data_6DC7
#
_entry.id   6DC7
#
_cell.length_a   53.440
_cell.length_b   67.474
_cell.length_c   240.163
_cell.angle_alpha   90.00
_cell.angle_beta   90.00
_cell.angle_gamma   90.00
#
_symmetry.space_group_name_H-M   'P 2 21 21'
#
loop_
_entity.id
_entity.type
_entity.pdbx_description
1 polymer 'Fab light chain'
2 polymer 'Fab heavy chain'
3 water water
#
loop_
_entity_poly.entity_id
_entity_poly.type
_entity_poly.pdbx_seq_one_letter_code
_entity_poly.pdbx_strand_id
1 'polypeptide(L)'
;DVLLTQTPLSLPVSLGDQASISCRSSQSIVHSNGNTYLEWYLQKPGQSPELLIYKVSNRFYGVPDRFSGSGSGTDFTLKI
SRVEAEDLGVYYCFQDSHIPYTFGGGTRLEIKRADAAPTVSIFPPSSEQLTSGGASVVCFLNNFYPKDINVKWKIDGSER
QNGVLNSWTDQDSKDSTYSMSSTLTLTKDEYERHNSYTCEATHKTSTSPIVKSFNRNE
;
L,M
2 'polypeptide(L)'
;EVQLQQSGPELVKPGASVKMSCKASGYTFTSYVIHWVKQKPGQGLEWIGYIYPYNDGTIYNEKFKGKATLTSDTSSSTVY
MELISLTAEDSAVYWCVRERDNYGVYWGQGTTLTVSSAKTTPPSVYPLAPGTGDTGSSMVTLGCLVKGYFPEPVTVTWNS
GSLSSGVHTFPAVLQSDLYTLSSSVTVTSSTWPSQTITCNVAHPASSTKVDKKIVPE
;
H,I
#
# COMPACT_ATOMS: atom_id res chain seq x y z
N ASP A 1 26.54 12.29 -52.28
CA ASP A 1 25.12 12.47 -52.00
C ASP A 1 24.83 13.82 -51.37
N VAL A 2 23.55 14.22 -51.44
CA VAL A 2 23.06 15.37 -50.69
C VAL A 2 22.88 14.96 -49.24
N LEU A 3 23.63 15.59 -48.35
CA LEU A 3 23.46 15.42 -46.92
C LEU A 3 22.46 16.45 -46.40
N LEU A 4 21.51 16.02 -45.59
CA LEU A 4 20.56 16.91 -44.93
C LEU A 4 20.82 16.91 -43.43
N THR A 5 21.13 18.08 -42.87
CA THR A 5 21.48 18.21 -41.45
C THR A 5 20.41 19.04 -40.76
N GLN A 6 19.80 18.48 -39.71
CA GLN A 6 18.71 19.14 -39.02
C GLN A 6 19.19 19.76 -37.71
N THR A 7 18.65 20.92 -37.38
CA THR A 7 18.92 21.62 -36.13
C THR A 7 17.58 22.04 -35.54
N PRO A 8 17.33 21.83 -34.24
CA PRO A 8 18.13 21.10 -33.25
C PRO A 8 17.80 19.63 -33.30
N LEU A 9 18.56 18.80 -32.59
CA LEU A 9 18.25 17.39 -32.53
C LEU A 9 16.99 17.12 -31.71
N SER A 10 16.74 17.92 -30.68
CA SER A 10 15.49 17.85 -29.95
C SER A 10 15.04 19.26 -29.57
N LEU A 11 13.74 19.49 -29.66
CA LEU A 11 13.16 20.82 -29.49
C LEU A 11 12.06 20.76 -28.44
N PRO A 12 12.35 21.10 -27.18
CA PRO A 12 11.29 21.23 -26.18
C PRO A 12 10.54 22.53 -26.38
N VAL A 13 9.21 22.47 -26.40
CA VAL A 13 8.39 23.63 -26.69
C VAL A 13 7.14 23.59 -25.83
N SER A 14 6.83 24.71 -25.17
CA SER A 14 5.61 24.80 -24.38
C SER A 14 4.37 24.65 -25.25
N LEU A 15 3.36 23.94 -24.73
CA LEU A 15 2.07 23.84 -25.41
C LEU A 15 1.56 25.24 -25.74
N GLY A 16 1.09 25.42 -26.98
CA GLY A 16 0.59 26.69 -27.44
C GLY A 16 1.64 27.63 -27.98
N ASP A 17 2.91 27.32 -27.83
CA ASP A 17 3.99 28.19 -28.29
C ASP A 17 4.31 27.86 -29.75
N GLN A 18 5.19 28.65 -30.34
CA GLN A 18 5.65 28.38 -31.69
C GLN A 18 6.95 27.59 -31.68
N ALA A 19 7.18 26.87 -32.78
CA ALA A 19 8.36 26.03 -32.92
C ALA A 19 8.93 26.24 -34.31
N SER A 20 10.25 26.06 -34.43
CA SER A 20 10.92 26.23 -35.73
C SER A 20 12.05 25.21 -35.81
N ILE A 21 12.11 24.48 -36.92
CA ILE A 21 13.10 23.43 -37.16
C ILE A 21 13.81 23.75 -38.46
N SER A 22 15.14 23.63 -38.48
CA SER A 22 15.82 23.95 -39.73
C SER A 22 16.49 22.71 -40.31
N CYS A 23 16.71 22.78 -41.63
CA CYS A 23 17.28 21.69 -42.40
C CYS A 23 18.20 22.31 -43.44
N ARG A 24 19.47 21.91 -43.43
CA ARG A 24 20.48 22.44 -44.34
C ARG A 24 20.96 21.34 -45.28
N SER A 25 20.93 21.60 -46.58
CA SER A 25 21.46 20.65 -47.56
C SER A 25 22.91 20.99 -47.85
N SER A 26 23.72 19.95 -48.08
CA SER A 26 25.15 20.11 -48.30
C SER A 26 25.47 20.67 -49.67
N GLN A 27 24.51 20.60 -50.59
CA GLN A 27 24.64 21.16 -51.93
C GLN A 27 23.27 21.59 -52.40
N SER A 28 23.23 22.20 -53.58
CA SER A 28 21.98 22.69 -54.17
C SER A 28 21.03 21.53 -54.45
N ILE A 29 19.74 21.76 -54.17
CA ILE A 29 18.73 20.77 -54.51
C ILE A 29 17.63 21.39 -55.38
N VAL A 30 18.01 22.28 -56.29
CA VAL A 30 17.10 22.67 -57.36
C VAL A 30 17.14 21.58 -58.42
N HIS A 31 15.98 20.95 -58.68
CA HIS A 31 15.91 19.94 -59.71
C HIS A 31 16.00 20.62 -61.09
N SER A 32 16.42 19.84 -62.08
CA SER A 32 16.63 20.38 -63.43
C SER A 32 15.38 21.01 -64.05
N ASN A 33 14.19 20.83 -63.45
CA ASN A 33 12.97 21.44 -63.95
C ASN A 33 12.60 22.72 -63.21
N GLY A 34 13.54 23.31 -62.45
CA GLY A 34 13.31 24.59 -61.79
C GLY A 34 12.75 24.50 -60.38
N ASN A 35 12.25 23.35 -59.95
CA ASN A 35 11.62 23.22 -58.64
C ASN A 35 12.60 22.67 -57.60
N THR A 36 12.29 22.94 -56.32
CA THR A 36 13.10 22.46 -55.21
C THR A 36 12.28 21.43 -54.44
N TYR A 37 12.62 20.15 -54.58
CA TYR A 37 11.83 19.07 -54.01
C TYR A 37 12.31 18.73 -52.60
N LEU A 38 12.06 19.66 -51.70
CA LEU A 38 12.31 19.44 -50.27
C LEU A 38 10.99 19.27 -49.54
N GLU A 39 10.84 18.16 -48.83
CA GLU A 39 9.62 17.80 -48.11
C GLU A 39 9.90 17.73 -46.62
N TRP A 40 8.85 17.91 -45.83
CA TRP A 40 8.88 17.75 -44.39
C TRP A 40 7.84 16.71 -44.01
N TYR A 41 8.26 15.74 -43.18
CA TYR A 41 7.42 14.69 -42.64
C TYR A 41 7.38 14.75 -41.12
N LEU A 42 6.28 14.30 -40.54
CA LEU A 42 6.18 14.03 -39.11
C LEU A 42 5.94 12.54 -38.91
N GLN A 43 6.80 11.89 -38.12
CA GLN A 43 6.63 10.48 -37.81
C GLN A 43 6.28 10.34 -36.33
N LYS A 44 5.06 9.88 -36.07
CA LYS A 44 4.64 9.53 -34.73
C LYS A 44 5.06 8.08 -34.44
N PRO A 45 5.25 7.74 -33.16
CA PRO A 45 5.77 6.40 -32.84
C PRO A 45 4.89 5.29 -33.41
N GLY A 46 5.54 4.34 -34.06
CA GLY A 46 4.85 3.21 -34.66
C GLY A 46 4.15 3.49 -35.97
N GLN A 47 3.92 4.75 -36.31
CA GLN A 47 3.21 5.08 -37.54
C GLN A 47 4.19 5.31 -38.68
N SER A 48 3.66 5.28 -39.90
CA SER A 48 4.43 5.73 -41.04
C SER A 48 4.54 7.25 -41.03
N PRO A 49 5.58 7.81 -41.65
CA PRO A 49 5.70 9.27 -41.76
C PRO A 49 4.52 9.88 -42.50
N GLU A 50 4.09 11.03 -42.01
CA GLU A 50 3.01 11.79 -42.63
C GLU A 50 3.60 13.01 -43.32
N LEU A 51 3.23 13.21 -44.58
CA LEU A 51 3.70 14.38 -45.32
C LEU A 51 3.03 15.64 -44.81
N LEU A 52 3.85 16.65 -44.52
CA LEU A 52 3.37 17.96 -44.08
C LEU A 52 3.49 19.01 -45.17
N ILE A 53 4.68 19.13 -45.77
CA ILE A 53 5.02 20.22 -46.68
C ILE A 53 5.78 19.61 -47.85
N TYR A 54 5.49 20.06 -49.07
CA TYR A 54 6.22 19.60 -50.24
C TYR A 54 6.66 20.80 -51.08
N LYS A 55 7.72 20.57 -51.87
CA LYS A 55 8.38 21.61 -52.65
C LYS A 55 8.59 22.88 -51.82
N VAL A 56 9.23 22.68 -50.67
CA VAL A 56 9.71 23.72 -49.75
C VAL A 56 8.59 24.37 -48.94
N SER A 57 7.53 24.85 -49.62
CA SER A 57 6.59 25.75 -48.96
C SER A 57 5.12 25.42 -49.20
N ASN A 58 4.81 24.32 -49.86
CA ASN A 58 3.43 23.99 -50.20
C ASN A 58 2.86 23.05 -49.14
N ARG A 59 1.82 23.52 -48.44
CA ARG A 59 1.16 22.69 -47.46
C ARG A 59 0.33 21.63 -48.18
N PHE A 60 0.54 20.37 -47.80
CA PHE A 60 -0.23 19.29 -48.39
C PHE A 60 -1.67 19.37 -47.89
N TYR A 61 -2.61 19.01 -48.76
CA TYR A 61 -4.00 19.15 -48.36
C TYR A 61 -4.33 18.15 -47.25
N GLY A 62 -5.15 18.59 -46.31
CA GLY A 62 -5.38 17.85 -45.09
C GLY A 62 -4.48 18.23 -43.94
N VAL A 63 -3.35 18.88 -44.21
CA VAL A 63 -2.41 19.25 -43.15
C VAL A 63 -2.92 20.53 -42.47
N PRO A 64 -2.90 20.60 -41.14
CA PRO A 64 -3.36 21.83 -40.46
C PRO A 64 -2.55 23.04 -40.86
N ASP A 65 -3.21 24.20 -40.92
CA ASP A 65 -2.54 25.39 -41.42
C ASP A 65 -1.54 25.97 -40.44
N ARG A 66 -1.46 25.46 -39.21
CA ARG A 66 -0.38 25.90 -38.32
C ARG A 66 1.00 25.47 -38.80
N PHE A 67 1.09 24.54 -39.76
CA PHE A 67 2.37 24.12 -40.34
C PHE A 67 2.66 24.93 -41.59
N SER A 68 3.92 25.36 -41.73
CA SER A 68 4.34 26.05 -42.94
C SER A 68 5.82 25.81 -43.18
N GLY A 69 6.23 25.93 -44.43
CA GLY A 69 7.63 25.74 -44.78
C GLY A 69 8.14 26.90 -45.61
N SER A 70 9.45 27.13 -45.52
CA SER A 70 10.10 28.17 -46.32
C SER A 70 11.56 27.81 -46.48
N GLY A 71 12.23 28.55 -47.36
CA GLY A 71 13.67 28.45 -47.46
C GLY A 71 14.14 28.72 -48.87
N SER A 72 15.45 28.91 -48.98
CA SER A 72 16.09 29.16 -50.27
C SER A 72 17.57 28.91 -50.15
N GLY A 73 18.18 28.54 -51.27
CA GLY A 73 19.56 28.13 -51.27
C GLY A 73 19.69 26.76 -50.66
N THR A 74 20.24 26.70 -49.45
CA THR A 74 20.43 25.40 -48.81
C THR A 74 19.87 25.36 -47.41
N ASP A 75 19.13 26.38 -46.97
CA ASP A 75 18.56 26.39 -45.63
C ASP A 75 17.04 26.45 -45.71
N PHE A 76 16.38 25.43 -45.18
CA PHE A 76 14.94 25.26 -45.24
C PHE A 76 14.41 25.17 -43.82
N THR A 77 13.22 25.72 -43.58
CA THR A 77 12.75 25.86 -42.21
C THR A 77 11.30 25.43 -42.12
N LEU A 78 10.99 24.57 -41.16
CA LEU A 78 9.61 24.25 -40.82
C LEU A 78 9.20 25.03 -39.58
N LYS A 79 8.03 25.67 -39.65
CA LYS A 79 7.48 26.43 -38.54
C LYS A 79 6.13 25.84 -38.12
N ILE A 80 5.92 25.77 -36.81
CA ILE A 80 4.61 25.44 -36.25
C ILE A 80 4.14 26.66 -35.46
N SER A 81 3.02 27.25 -35.87
CA SER A 81 2.62 28.53 -35.31
C SER A 81 2.12 28.40 -33.88
N ARG A 82 1.47 27.28 -33.56
CA ARG A 82 0.92 27.05 -32.24
C ARG A 82 0.95 25.53 -32.03
N VAL A 83 1.91 25.06 -31.24
CA VAL A 83 2.10 23.62 -31.06
C VAL A 83 0.92 23.03 -30.31
N GLU A 84 0.39 21.91 -30.80
CA GLU A 84 -0.63 21.15 -30.10
C GLU A 84 -0.04 19.82 -29.62
N ALA A 85 -0.71 19.19 -28.65
CA ALA A 85 -0.21 17.94 -28.10
C ALA A 85 -0.04 16.87 -29.16
N GLU A 86 -0.90 16.86 -30.17
CA GLU A 86 -0.83 15.85 -31.22
C GLU A 86 0.38 16.05 -32.14
N ASP A 87 1.11 17.16 -32.00
CA ASP A 87 2.22 17.48 -32.89
C ASP A 87 3.53 16.87 -32.46
N LEU A 88 3.55 16.12 -31.36
CA LEU A 88 4.83 15.58 -30.93
C LEU A 88 5.22 14.41 -31.82
N GLY A 89 6.51 14.15 -31.87
CA GLY A 89 7.05 13.10 -32.70
C GLY A 89 8.39 13.53 -33.27
N VAL A 90 8.80 12.88 -34.34
CA VAL A 90 10.09 13.13 -34.97
C VAL A 90 9.83 13.70 -36.35
N TYR A 91 10.34 14.90 -36.59
CA TYR A 91 10.21 15.59 -37.85
C TYR A 91 11.41 15.31 -38.72
N TYR A 92 11.17 15.03 -40.00
CA TYR A 92 12.27 14.79 -40.95
C TYR A 92 12.10 15.70 -42.15
N CYS A 93 13.21 16.30 -42.59
CA CYS A 93 13.24 16.78 -43.97
C CYS A 93 13.72 15.66 -44.89
N PHE A 94 13.40 15.82 -46.16
CA PHE A 94 13.63 14.79 -47.18
C PHE A 94 13.75 15.48 -48.52
N GLN A 95 14.76 15.11 -49.32
CA GLN A 95 14.93 15.67 -50.64
C GLN A 95 14.82 14.57 -51.70
N ASP A 96 14.02 14.81 -52.73
CA ASP A 96 14.07 13.93 -53.88
C ASP A 96 14.36 14.73 -55.15
N SER A 97 15.25 15.72 -55.02
CA SER A 97 15.75 16.46 -56.17
C SER A 97 16.86 15.72 -56.91
N HIS A 98 17.70 14.99 -56.16
CA HIS A 98 18.86 14.33 -56.73
C HIS A 98 19.02 12.93 -56.13
N ILE A 99 19.33 11.97 -57.00
CA ILE A 99 19.61 10.58 -56.58
C ILE A 99 20.99 10.52 -55.93
N PRO A 100 21.15 9.83 -54.78
CA PRO A 100 20.08 9.12 -54.05
C PRO A 100 19.22 10.07 -53.21
N TYR A 101 17.92 9.78 -53.12
CA TYR A 101 17.07 10.58 -52.24
C TYR A 101 17.52 10.37 -50.80
N THR A 102 17.47 11.44 -50.01
CA THR A 102 18.02 11.38 -48.66
C THR A 102 17.11 12.10 -47.68
N PHE A 103 17.17 11.66 -46.41
CA PHE A 103 16.44 12.19 -45.27
C PHE A 103 17.40 12.92 -44.34
N GLY A 104 16.90 13.96 -43.67
CA GLY A 104 17.60 14.50 -42.53
C GLY A 104 17.61 13.51 -41.37
N GLY A 105 18.38 13.84 -40.34
CA GLY A 105 18.52 12.96 -39.18
C GLY A 105 17.36 12.97 -38.20
N GLY A 106 16.40 13.87 -38.37
CA GLY A 106 15.27 13.92 -37.46
C GLY A 106 15.45 14.89 -36.33
N THR A 107 14.35 15.58 -35.99
CA THR A 107 14.26 16.48 -34.85
C THR A 107 13.06 16.02 -34.03
N ARG A 108 13.28 15.70 -32.76
CA ARG A 108 12.20 15.26 -31.88
C ARG A 108 11.60 16.47 -31.19
N LEU A 109 10.32 16.73 -31.44
CA LEU A 109 9.59 17.81 -30.78
C LEU A 109 9.03 17.26 -29.48
N GLU A 110 9.38 17.90 -28.36
CA GLU A 110 8.95 17.51 -27.02
C GLU A 110 8.09 18.60 -26.41
N ILE A 111 6.90 18.24 -25.92
CA ILE A 111 5.99 19.24 -25.35
C ILE A 111 6.38 19.53 -23.90
N LYS A 112 6.52 20.82 -23.56
CA LYS A 112 6.68 21.23 -22.17
C LYS A 112 5.32 21.58 -21.57
N ARG A 113 5.11 21.14 -20.33
CA ARG A 113 3.84 21.32 -19.62
C ARG A 113 4.12 21.37 -18.12
N ALA A 114 3.05 21.40 -17.33
CA ALA A 114 3.16 21.48 -15.87
C ALA A 114 3.63 20.14 -15.29
N ASP A 115 4.26 20.21 -14.11
CA ASP A 115 4.64 18.99 -13.41
C ASP A 115 3.42 18.11 -13.15
N ALA A 116 3.62 16.80 -13.20
CA ALA A 116 2.55 15.86 -12.88
C ALA A 116 3.15 14.70 -12.10
N ALA A 117 2.52 14.34 -11.00
CA ALA A 117 3.01 13.21 -10.23
C ALA A 117 2.57 11.91 -10.90
N PRO A 118 3.37 10.85 -10.79
CA PRO A 118 2.96 9.58 -11.39
C PRO A 118 1.84 8.92 -10.60
N THR A 119 0.95 8.24 -11.32
CA THR A 119 0.07 7.26 -10.71
C THR A 119 0.87 5.95 -10.64
N VAL A 120 1.16 5.48 -9.44
CA VAL A 120 2.07 4.36 -9.21
C VAL A 120 1.26 3.14 -8.80
N SER A 121 1.57 1.99 -9.40
CA SER A 121 0.84 0.75 -9.14
C SER A 121 1.86 -0.37 -8.99
N ILE A 122 1.76 -1.17 -7.92
CA ILE A 122 2.70 -2.27 -7.76
C ILE A 122 1.96 -3.59 -7.84
N PHE A 123 2.62 -4.58 -8.45
CA PHE A 123 2.01 -5.90 -8.67
C PHE A 123 2.96 -7.01 -8.24
N PRO A 124 2.57 -7.84 -7.27
CA PRO A 124 3.38 -9.01 -6.93
C PRO A 124 3.39 -10.02 -8.06
N PRO A 125 4.26 -11.02 -8.00
CA PRO A 125 4.21 -12.09 -9.00
C PRO A 125 2.84 -12.72 -9.03
N SER A 126 2.36 -12.98 -10.25
CA SER A 126 1.10 -13.67 -10.43
C SER A 126 1.23 -15.11 -9.96
N SER A 127 0.11 -15.69 -9.54
CA SER A 127 0.16 -17.11 -9.19
C SER A 127 0.62 -17.95 -10.37
N GLU A 128 0.19 -17.57 -11.58
CA GLU A 128 0.58 -18.31 -12.77
C GLU A 128 2.10 -18.36 -12.92
N GLN A 129 2.78 -17.22 -12.76
CA GLN A 129 4.24 -17.20 -12.88
C GLN A 129 4.91 -17.96 -11.75
N LEU A 130 4.44 -17.78 -10.51
CA LEU A 130 5.02 -18.54 -9.41
C LEU A 130 4.88 -20.05 -9.64
N THR A 131 3.74 -20.49 -10.18
CA THR A 131 3.54 -21.90 -10.49
C THR A 131 4.57 -22.41 -11.50
N SER A 132 4.99 -21.54 -12.42
CA SER A 132 6.06 -21.86 -13.35
C SER A 132 7.45 -21.68 -12.74
N GLY A 133 7.55 -21.29 -11.47
CA GLY A 133 8.84 -21.15 -10.83
C GLY A 133 9.54 -19.81 -10.95
N GLY A 134 8.84 -18.76 -11.41
CA GLY A 134 9.45 -17.46 -11.58
C GLY A 134 8.81 -16.42 -10.66
N ALA A 135 9.42 -15.23 -10.64
CA ALA A 135 8.96 -14.18 -9.74
C ALA A 135 9.39 -12.81 -10.30
N SER A 136 8.47 -12.13 -10.96
CA SER A 136 8.67 -10.75 -11.39
C SER A 136 7.74 -9.84 -10.60
N VAL A 137 8.28 -8.72 -10.08
CA VAL A 137 7.50 -7.68 -9.41
C VAL A 137 7.44 -6.51 -10.38
N VAL A 138 6.22 -6.07 -10.71
CA VAL A 138 6.04 -5.03 -11.72
C VAL A 138 5.52 -3.78 -11.04
N CYS A 139 6.09 -2.64 -11.41
CA CYS A 139 5.69 -1.33 -10.90
C CYS A 139 5.46 -0.43 -12.11
N PHE A 140 4.24 0.12 -12.24
CA PHE A 140 3.92 1.11 -13.24
C PHE A 140 3.96 2.50 -12.61
N LEU A 141 4.61 3.44 -13.31
CA LEU A 141 4.64 4.85 -12.91
C LEU A 141 4.11 5.65 -14.10
N ASN A 142 2.83 6.02 -14.05
CA ASN A 142 2.12 6.43 -15.27
C ASN A 142 1.72 7.90 -15.26
N ASN A 143 1.86 8.54 -16.44
CA ASN A 143 1.32 9.89 -16.69
C ASN A 143 1.92 10.94 -15.75
N PHE A 144 3.24 11.00 -15.73
CA PHE A 144 3.96 12.01 -14.97
C PHE A 144 4.71 12.95 -15.90
N TYR A 145 5.21 14.04 -15.31
CA TYR A 145 5.96 15.04 -16.04
C TYR A 145 6.78 15.77 -14.98
N PRO A 146 8.07 16.06 -15.24
CA PRO A 146 8.84 15.82 -16.47
C PRO A 146 9.36 14.39 -16.59
N LYS A 147 10.13 14.12 -17.65
CA LYS A 147 10.48 12.74 -17.99
C LYS A 147 11.50 12.15 -17.02
N ASP A 148 12.36 12.97 -16.45
CA ASP A 148 13.40 12.45 -15.56
C ASP A 148 12.81 12.18 -14.19
N ILE A 149 12.76 10.90 -13.83
CA ILE A 149 12.27 10.37 -12.56
C ILE A 149 13.01 9.06 -12.34
N ASN A 150 13.43 8.79 -11.10
CA ASN A 150 14.18 7.58 -10.80
C ASN A 150 13.36 6.64 -9.95
N VAL A 151 13.56 5.35 -10.15
CA VAL A 151 12.88 4.32 -9.35
C VAL A 151 13.92 3.57 -8.54
N LYS A 152 13.66 3.41 -7.26
CA LYS A 152 14.46 2.53 -6.43
C LYS A 152 13.55 1.48 -5.79
N TRP A 153 14.08 0.27 -5.70
CA TRP A 153 13.41 -0.86 -5.09
C TRP A 153 14.03 -1.14 -3.73
N LYS A 154 13.21 -1.66 -2.83
CA LYS A 154 13.66 -2.11 -1.52
C LYS A 154 13.01 -3.45 -1.25
N ILE A 155 13.81 -4.39 -0.77
CA ILE A 155 13.31 -5.70 -0.35
C ILE A 155 13.59 -5.82 1.15
N ASP A 156 12.53 -6.06 1.95
CA ASP A 156 12.64 -6.06 3.41
C ASP A 156 13.26 -4.76 3.94
N GLY A 157 13.04 -3.66 3.23
CA GLY A 157 13.50 -2.36 3.68
C GLY A 157 14.89 -1.98 3.24
N SER A 158 15.63 -2.90 2.62
CA SER A 158 16.99 -2.65 2.13
C SER A 158 16.96 -2.42 0.62
N GLU A 159 17.78 -1.48 0.15
CA GLU A 159 17.78 -1.16 -1.27
C GLU A 159 18.21 -2.37 -2.10
N ARG A 160 17.62 -2.48 -3.29
CA ARG A 160 17.81 -3.61 -4.19
C ARG A 160 18.06 -3.08 -5.59
N GLN A 161 19.22 -3.40 -6.14
CA GLN A 161 19.58 -3.01 -7.50
C GLN A 161 19.62 -4.18 -8.46
N ASN A 162 19.92 -5.37 -7.96
CA ASN A 162 20.02 -6.56 -8.78
C ASN A 162 18.67 -6.92 -9.38
N GLY A 163 18.60 -7.01 -10.70
CA GLY A 163 17.44 -7.55 -11.38
C GLY A 163 16.37 -6.56 -11.79
N VAL A 164 16.70 -5.27 -11.90
CA VAL A 164 15.74 -4.21 -12.18
C VAL A 164 15.91 -3.74 -13.63
N LEU A 165 14.80 -3.71 -14.38
CA LEU A 165 14.80 -3.23 -15.76
C LEU A 165 13.66 -2.23 -15.97
N ASN A 166 13.99 -1.07 -16.52
CA ASN A 166 13.06 0.04 -16.67
C ASN A 166 12.79 0.30 -18.15
N SER A 167 11.57 0.75 -18.45
CA SER A 167 11.19 1.08 -19.81
C SER A 167 10.25 2.28 -19.79
N TRP A 168 10.42 3.19 -20.75
CA TRP A 168 9.65 4.43 -20.83
C TRP A 168 8.87 4.47 -22.14
N THR A 169 7.61 4.89 -22.06
CA THR A 169 6.84 5.19 -23.25
C THR A 169 7.31 6.49 -23.90
N ASP A 170 6.96 6.65 -25.17
CA ASP A 170 7.13 7.96 -25.77
C ASP A 170 6.10 8.92 -25.17
N GLN A 171 6.38 10.21 -25.30
CA GLN A 171 5.51 11.22 -24.71
C GLN A 171 4.08 11.07 -25.23
N ASP A 172 3.11 11.19 -24.33
CA ASP A 172 1.72 10.91 -24.66
C ASP A 172 1.15 12.03 -25.53
N SER A 173 0.45 11.65 -26.60
CA SER A 173 -0.02 12.67 -27.55
C SER A 173 -1.30 13.35 -27.10
N LYS A 174 -1.88 12.94 -25.97
CA LYS A 174 -3.08 13.59 -25.47
C LYS A 174 -2.81 14.51 -24.29
N ASP A 175 -1.99 14.09 -23.32
CA ASP A 175 -1.73 14.95 -22.18
C ASP A 175 -0.26 15.34 -22.00
N SER A 176 0.61 14.97 -22.94
CA SER A 176 2.01 15.36 -22.95
C SER A 176 2.79 14.82 -21.74
N THR A 177 2.31 13.76 -21.10
CA THR A 177 3.05 13.15 -20.01
C THR A 177 3.92 12.00 -20.51
N TYR A 178 4.69 11.43 -19.58
CA TYR A 178 5.49 10.24 -19.81
C TYR A 178 4.98 9.14 -18.89
N SER A 179 5.30 7.90 -19.23
CA SER A 179 5.04 6.78 -18.33
C SER A 179 6.25 5.85 -18.31
N MET A 180 6.35 5.06 -17.25
CA MET A 180 7.53 4.21 -17.07
C MET A 180 7.10 2.94 -16.34
N SER A 181 7.74 1.83 -16.70
CA SER A 181 7.57 0.56 -16.01
C SER A 181 8.94 0.15 -15.46
N SER A 182 8.91 -0.44 -14.27
CA SER A 182 10.11 -0.94 -13.59
C SER A 182 9.79 -2.34 -13.13
N THR A 183 10.58 -3.30 -13.59
CA THR A 183 10.31 -4.72 -13.35
C THR A 183 11.48 -5.32 -12.59
N LEU A 184 11.18 -5.87 -11.41
CA LEU A 184 12.20 -6.51 -10.57
C LEU A 184 12.05 -8.02 -10.76
N THR A 185 13.06 -8.64 -11.36
CA THR A 185 13.06 -10.07 -11.62
C THR A 185 13.96 -10.76 -10.60
N LEU A 186 13.41 -11.72 -9.88
CA LEU A 186 14.15 -12.52 -8.92
C LEU A 186 13.81 -13.98 -9.15
N THR A 187 14.66 -14.85 -8.62
CA THR A 187 14.25 -16.25 -8.56
C THR A 187 13.08 -16.36 -7.59
N LYS A 188 12.20 -17.33 -7.85
CA LYS A 188 11.15 -17.61 -6.90
C LYS A 188 11.75 -17.91 -5.52
N ASP A 189 12.86 -18.66 -5.50
CA ASP A 189 13.56 -18.96 -4.24
C ASP A 189 13.85 -17.69 -3.46
N GLU A 190 14.50 -16.71 -4.09
CA GLU A 190 14.79 -15.47 -3.36
C GLU A 190 13.51 -14.72 -3.01
N TYR A 191 12.51 -14.73 -3.90
CA TYR A 191 11.27 -14.01 -3.60
C TYR A 191 10.60 -14.56 -2.35
N GLU A 192 10.62 -15.88 -2.18
CA GLU A 192 9.98 -16.49 -1.03
C GLU A 192 10.82 -16.36 0.25
N ARG A 193 12.05 -15.84 0.15
CA ARG A 193 12.88 -15.61 1.33
C ARG A 193 12.67 -14.24 1.95
N HIS A 194 11.82 -13.39 1.35
CA HIS A 194 11.63 -12.04 1.86
C HIS A 194 10.14 -11.72 1.88
N ASN A 195 9.80 -10.62 2.57
CA ASN A 195 8.40 -10.29 2.79
C ASN A 195 7.96 -8.98 2.18
N SER A 196 8.68 -7.89 2.39
CA SER A 196 8.20 -6.59 1.94
C SER A 196 8.93 -6.15 0.68
N TYR A 197 8.15 -5.62 -0.28
CA TYR A 197 8.65 -5.24 -1.59
C TYR A 197 8.14 -3.84 -1.88
N THR A 198 9.06 -2.89 -2.10
CA THR A 198 8.72 -1.50 -2.24
C THR A 198 9.28 -0.93 -3.54
N CYS A 199 8.41 -0.27 -4.30
CA CYS A 199 8.75 0.53 -5.47
C CYS A 199 8.70 2.00 -5.06
N GLU A 200 9.79 2.72 -5.23
CA GLU A 200 9.88 4.10 -4.77
C GLU A 200 10.29 5.04 -5.90
N ALA A 201 9.45 6.05 -6.17
CA ALA A 201 9.65 7.01 -7.24
C ALA A 201 10.11 8.35 -6.67
N THR A 202 11.26 8.84 -7.14
CA THR A 202 11.74 10.18 -6.82
C THR A 202 12.00 10.98 -8.09
N HIS A 203 11.57 12.24 -8.08
CA HIS A 203 12.03 13.17 -9.09
C HIS A 203 13.45 13.64 -8.76
N LYS A 204 14.19 14.02 -9.80
CA LYS A 204 15.51 14.59 -9.58
C LYS A 204 15.43 15.95 -8.88
N THR A 205 14.29 16.63 -8.95
CA THR A 205 14.14 17.93 -8.31
C THR A 205 13.86 17.80 -6.81
N SER A 206 12.90 16.97 -6.45
CA SER A 206 12.46 16.83 -5.06
C SER A 206 13.11 15.62 -4.40
N THR A 207 13.12 15.65 -3.07
CA THR A 207 13.56 14.50 -2.28
C THR A 207 12.39 13.73 -1.69
N SER A 208 11.15 14.16 -1.95
CA SER A 208 9.97 13.48 -1.43
C SER A 208 9.52 12.41 -2.42
N PRO A 209 9.57 11.14 -2.09
CA PRO A 209 9.18 10.08 -3.02
C PRO A 209 7.69 9.81 -3.03
N ILE A 210 7.27 9.01 -4.01
CA ILE A 210 5.99 8.32 -4.02
C ILE A 210 6.32 6.84 -3.92
N VAL A 211 5.69 6.14 -2.97
CA VAL A 211 6.05 4.76 -2.70
C VAL A 211 4.80 3.89 -2.82
N LYS A 212 5.01 2.65 -3.28
CA LYS A 212 3.99 1.61 -3.26
C LYS A 212 4.65 0.33 -2.76
N SER A 213 3.93 -0.38 -1.89
CA SER A 213 4.51 -1.55 -1.23
C SER A 213 3.49 -2.67 -1.21
N PHE A 214 3.98 -3.89 -1.10
CA PHE A 214 3.14 -5.01 -0.72
C PHE A 214 3.98 -5.94 0.13
N ASN A 215 3.27 -6.77 0.90
CA ASN A 215 3.89 -7.76 1.77
C ASN A 215 3.45 -9.14 1.31
N ARG A 216 4.43 -10.00 1.07
CA ARG A 216 4.14 -11.31 0.49
C ARG A 216 3.18 -12.10 1.36
N ASN A 217 3.25 -11.93 2.68
CA ASN A 217 2.48 -12.77 3.59
C ASN A 217 0.99 -12.48 3.56
N GLU A 218 0.56 -11.40 2.90
CA GLU A 218 -0.86 -11.03 2.85
C GLU A 218 -1.52 -11.44 1.52
N GLU B 1 -10.02 3.72 -52.77
CA GLU B 1 -8.89 4.25 -52.03
C GLU B 1 -7.60 3.44 -52.27
N VAL B 2 -6.47 4.14 -52.40
CA VAL B 2 -5.17 3.50 -52.60
C VAL B 2 -4.73 2.83 -51.30
N GLN B 3 -4.29 1.58 -51.40
CA GLN B 3 -3.74 0.87 -50.25
C GLN B 3 -2.54 0.03 -50.70
N LEU B 4 -1.53 -0.04 -49.83
CA LEU B 4 -0.35 -0.90 -50.01
C LEU B 4 -0.26 -1.83 -48.80
N GLN B 5 -0.35 -3.14 -49.05
CA GLN B 5 -0.37 -4.15 -47.98
C GLN B 5 0.94 -4.92 -48.03
N GLN B 6 1.76 -4.76 -47.00
CA GLN B 6 3.05 -5.44 -46.96
C GLN B 6 2.93 -6.79 -46.27
N SER B 7 3.89 -7.66 -46.58
CA SER B 7 4.00 -8.97 -45.96
C SER B 7 4.34 -8.80 -44.47
N GLY B 8 4.09 -9.87 -43.69
CA GLY B 8 4.27 -9.83 -42.26
C GLY B 8 5.73 -9.88 -41.86
N PRO B 9 5.97 -9.68 -40.56
CA PRO B 9 7.35 -9.73 -40.04
C PRO B 9 7.99 -11.09 -40.28
N GLU B 10 9.33 -11.11 -40.28
CA GLU B 10 10.07 -12.34 -40.54
C GLU B 10 11.31 -12.44 -39.66
N LEU B 11 11.54 -13.63 -39.11
CA LEU B 11 12.80 -14.01 -38.48
C LEU B 11 13.60 -14.82 -39.49
N VAL B 12 14.81 -14.35 -39.82
CA VAL B 12 15.61 -15.01 -40.83
C VAL B 12 17.05 -15.11 -40.32
N LYS B 13 17.71 -16.21 -40.66
CA LYS B 13 19.08 -16.44 -40.20
C LYS B 13 20.11 -15.74 -41.10
N PRO B 14 21.24 -15.34 -40.53
CA PRO B 14 22.30 -14.71 -41.33
C PRO B 14 22.75 -15.61 -42.45
N GLY B 15 23.02 -14.99 -43.59
CA GLY B 15 23.44 -15.72 -44.77
C GLY B 15 22.32 -16.19 -45.66
N ALA B 16 21.07 -16.13 -45.19
CA ALA B 16 19.92 -16.44 -46.01
C ALA B 16 19.56 -15.22 -46.85
N SER B 17 18.54 -15.38 -47.68
CA SER B 17 17.88 -14.27 -48.37
C SER B 17 16.43 -14.21 -47.88
N VAL B 18 15.77 -13.11 -48.22
CA VAL B 18 14.37 -12.92 -47.88
C VAL B 18 13.75 -12.06 -48.96
N LYS B 19 12.48 -12.34 -49.28
CA LYS B 19 11.74 -11.55 -50.25
C LYS B 19 10.49 -11.00 -49.56
N MET B 20 10.41 -9.69 -49.42
CA MET B 20 9.26 -9.02 -48.82
C MET B 20 8.37 -8.45 -49.91
N SER B 21 7.06 -8.37 -49.64
CA SER B 21 6.12 -8.01 -50.69
C SER B 21 5.30 -6.80 -50.28
N CYS B 22 4.72 -6.16 -51.30
CA CYS B 22 3.96 -4.92 -51.16
C CYS B 22 2.84 -5.00 -52.19
N LYS B 23 1.65 -5.36 -51.75
CA LYS B 23 0.50 -5.55 -52.63
C LYS B 23 -0.30 -4.25 -52.71
N ALA B 24 -0.46 -3.73 -53.93
CA ALA B 24 -1.11 -2.46 -54.18
C ALA B 24 -2.53 -2.69 -54.68
N SER B 25 -3.41 -1.77 -54.32
CA SER B 25 -4.80 -1.81 -54.78
C SER B 25 -5.33 -0.39 -54.84
N GLY B 26 -6.41 -0.22 -55.59
CA GLY B 26 -7.12 1.04 -55.63
C GLY B 26 -6.62 2.05 -56.63
N TYR B 27 -5.73 1.65 -57.54
CA TYR B 27 -5.23 2.54 -58.58
C TYR B 27 -4.65 1.69 -59.69
N THR B 28 -4.37 2.34 -60.81
CA THR B 28 -3.77 1.63 -61.94
C THR B 28 -2.31 1.29 -61.57
N PHE B 29 -2.07 0.01 -61.33
CA PHE B 29 -0.80 -0.44 -60.74
C PHE B 29 0.41 0.04 -61.53
N THR B 30 0.36 -0.03 -62.86
CA THR B 30 1.56 0.24 -63.63
C THR B 30 1.87 1.72 -63.80
N SER B 31 1.03 2.63 -63.29
CA SER B 31 1.18 4.05 -63.58
C SER B 31 2.02 4.81 -62.54
N TYR B 32 2.32 4.21 -61.40
CA TYR B 32 3.04 4.89 -60.31
C TYR B 32 4.24 4.08 -59.86
N VAL B 33 5.31 4.78 -59.52
CA VAL B 33 6.50 4.16 -58.94
C VAL B 33 6.25 3.79 -57.49
N ILE B 34 6.89 2.72 -57.01
CA ILE B 34 6.90 2.35 -55.59
C ILE B 34 8.35 2.40 -55.08
N HIS B 35 8.55 3.09 -53.95
CA HIS B 35 9.85 3.18 -53.29
C HIS B 35 9.88 2.27 -52.07
N TRP B 36 11.08 1.91 -51.65
CA TRP B 36 11.28 1.22 -50.39
C TRP B 36 12.19 2.05 -49.50
N VAL B 37 11.88 2.06 -48.20
CA VAL B 37 12.62 2.86 -47.22
C VAL B 37 12.98 1.96 -46.04
N LYS B 38 14.22 2.07 -45.56
CA LYS B 38 14.70 1.30 -44.42
C LYS B 38 14.67 2.18 -43.17
N GLN B 39 14.17 1.64 -42.07
CA GLN B 39 14.12 2.35 -40.80
C GLN B 39 14.70 1.43 -39.72
N LYS B 40 15.96 1.65 -39.41
CA LYS B 40 16.70 0.87 -38.43
C LYS B 40 17.00 1.73 -37.22
N PRO B 41 16.75 1.26 -36.01
CA PRO B 41 16.98 2.09 -34.82
C PRO B 41 18.38 2.71 -34.80
N GLY B 42 18.43 4.02 -34.58
CA GLY B 42 19.69 4.72 -34.58
C GLY B 42 20.22 5.09 -35.95
N GLN B 43 19.49 4.77 -37.03
CA GLN B 43 19.93 5.16 -38.37
C GLN B 43 18.82 5.90 -39.13
N GLY B 44 17.82 6.42 -38.41
CA GLY B 44 16.80 7.29 -39.01
C GLY B 44 16.02 6.60 -40.12
N LEU B 45 15.89 7.28 -41.25
CA LEU B 45 15.24 6.76 -42.43
C LEU B 45 16.24 6.79 -43.59
N GLU B 46 16.26 5.71 -44.38
CA GLU B 46 17.13 5.63 -45.56
C GLU B 46 16.30 5.21 -46.76
N TRP B 47 16.46 5.92 -47.88
CA TRP B 47 15.79 5.53 -49.11
C TRP B 47 16.61 4.45 -49.83
N ILE B 48 15.95 3.35 -50.19
CA ILE B 48 16.64 2.19 -50.77
C ILE B 48 16.68 2.25 -52.29
N GLY B 49 15.55 2.58 -52.89
CA GLY B 49 15.43 2.59 -54.34
C GLY B 49 13.98 2.57 -54.71
N TYR B 50 13.74 2.62 -56.01
CA TYR B 50 12.36 2.50 -56.47
C TYR B 50 12.30 1.63 -57.71
N ILE B 51 11.08 1.17 -58.02
CA ILE B 51 10.78 0.41 -59.22
C ILE B 51 9.56 1.03 -59.87
N TYR B 52 9.55 1.09 -61.20
CA TYR B 52 8.41 1.59 -61.97
C TYR B 52 7.74 0.38 -62.62
N PRO B 53 6.56 -0.05 -62.14
CA PRO B 53 5.98 -1.30 -62.66
C PRO B 53 5.62 -1.24 -64.14
N TYR B 54 5.53 -0.05 -64.73
CA TYR B 54 5.28 0.07 -66.16
C TYR B 54 6.32 -0.65 -67.00
N ASN B 55 7.61 -0.49 -66.65
CA ASN B 55 8.69 -1.07 -67.44
C ASN B 55 9.68 -1.84 -66.59
N ASP B 56 9.38 -2.07 -65.31
CA ASP B 56 10.26 -2.77 -64.36
C ASP B 56 11.61 -2.10 -64.19
N GLY B 57 11.72 -0.82 -64.54
CA GLY B 57 12.97 -0.10 -64.36
C GLY B 57 13.18 0.24 -62.89
N THR B 58 14.43 0.17 -62.46
CA THR B 58 14.80 0.39 -61.07
C THR B 58 15.91 1.43 -60.97
N ILE B 59 15.91 2.16 -59.86
CA ILE B 59 17.03 3.01 -59.44
C ILE B 59 17.31 2.69 -57.98
N TYR B 60 18.58 2.50 -57.64
CA TYR B 60 18.96 2.13 -56.28
C TYR B 60 19.89 3.17 -55.65
N ASN B 61 19.69 3.41 -54.37
CA ASN B 61 20.75 3.98 -53.54
C ASN B 61 21.98 3.08 -53.65
N GLU B 62 23.12 3.68 -54.00
CA GLU B 62 24.36 2.92 -54.14
C GLU B 62 24.61 2.00 -52.94
N LYS B 63 24.20 2.44 -51.74
CA LYS B 63 24.42 1.67 -50.51
C LYS B 63 23.82 0.27 -50.59
N PHE B 64 22.75 0.09 -51.36
CA PHE B 64 22.04 -1.18 -51.40
C PHE B 64 22.26 -1.97 -52.68
N LYS B 65 23.11 -1.49 -53.59
CA LYS B 65 23.39 -2.25 -54.80
C LYS B 65 24.12 -3.54 -54.46
N GLY B 66 23.69 -4.63 -55.07
CA GLY B 66 24.21 -5.95 -54.72
C GLY B 66 23.66 -6.51 -53.42
N LYS B 67 22.77 -5.77 -52.74
CA LYS B 67 22.08 -6.25 -51.55
C LYS B 67 20.58 -6.37 -51.79
N ALA B 68 19.97 -5.34 -52.37
CA ALA B 68 18.53 -5.30 -52.56
C ALA B 68 18.21 -5.38 -54.05
N THR B 69 17.16 -6.14 -54.38
CA THR B 69 16.64 -6.21 -55.74
C THR B 69 15.12 -6.04 -55.71
N LEU B 70 14.62 -5.06 -56.46
CA LEU B 70 13.19 -4.80 -56.61
C LEU B 70 12.64 -5.46 -57.87
N THR B 71 11.46 -6.09 -57.73
CA THR B 71 10.76 -6.67 -58.87
C THR B 71 9.27 -6.33 -58.79
N SER B 72 8.57 -6.56 -59.89
CA SER B 72 7.15 -6.25 -60.00
C SER B 72 6.44 -7.40 -60.72
N ASP B 73 5.23 -7.72 -60.27
CA ASP B 73 4.34 -8.64 -60.98
C ASP B 73 3.02 -7.94 -61.27
N THR B 74 2.75 -7.65 -62.56
CA THR B 74 1.55 -6.91 -62.92
C THR B 74 0.29 -7.72 -62.67
N SER B 75 0.34 -9.04 -62.85
CA SER B 75 -0.86 -9.84 -62.67
C SER B 75 -1.42 -9.71 -61.26
N SER B 76 -0.55 -9.70 -60.24
CA SER B 76 -0.98 -9.63 -58.85
C SER B 76 -0.85 -8.24 -58.23
N SER B 77 -0.42 -7.23 -59.01
CA SER B 77 -0.24 -5.87 -58.53
C SER B 77 0.65 -5.83 -57.29
N THR B 78 1.75 -6.57 -57.34
CA THR B 78 2.64 -6.72 -56.19
C THR B 78 4.07 -6.35 -56.59
N VAL B 79 4.74 -5.61 -55.70
CA VAL B 79 6.15 -5.31 -55.80
C VAL B 79 6.86 -6.09 -54.70
N TYR B 80 8.05 -6.60 -55.01
CA TYR B 80 8.88 -7.35 -54.08
C TYR B 80 10.21 -6.67 -53.89
N MET B 81 10.75 -6.76 -52.68
CA MET B 81 12.14 -6.41 -52.43
C MET B 81 12.83 -7.63 -51.83
N GLU B 82 13.89 -8.09 -52.50
CA GLU B 82 14.67 -9.22 -52.03
C GLU B 82 16.00 -8.74 -51.50
N LEU B 83 16.35 -9.16 -50.28
CA LEU B 83 17.65 -8.88 -49.66
C LEU B 83 18.43 -10.19 -49.57
N ILE B 84 19.69 -10.17 -50.01
CA ILE B 84 20.52 -11.38 -50.03
C ILE B 84 21.66 -11.25 -49.00
N SER B 85 22.33 -12.38 -48.73
CA SER B 85 23.50 -12.41 -47.84
C SER B 85 23.24 -11.67 -46.54
N LEU B 86 22.12 -12.02 -45.89
CA LEU B 86 21.61 -11.26 -44.76
C LEU B 86 22.56 -11.25 -43.59
N THR B 87 22.64 -10.09 -42.93
CA THR B 87 23.36 -9.91 -41.67
C THR B 87 22.48 -9.13 -40.69
N ALA B 88 22.97 -9.01 -39.45
CA ALA B 88 22.26 -8.23 -38.44
C ALA B 88 22.08 -6.77 -38.88
N GLU B 89 22.99 -6.25 -39.71
CA GLU B 89 22.82 -4.90 -40.23
C GLU B 89 21.54 -4.76 -41.05
N ASP B 90 21.02 -5.87 -41.59
CA ASP B 90 19.77 -5.81 -42.34
C ASP B 90 18.52 -5.82 -41.47
N SER B 91 18.65 -6.09 -40.17
CA SER B 91 17.48 -6.04 -39.29
C SER B 91 16.91 -4.61 -39.28
N ALA B 92 15.61 -4.48 -39.51
CA ALA B 92 15.01 -3.15 -39.63
C ALA B 92 13.50 -3.28 -39.90
N VAL B 93 12.81 -2.14 -39.83
CA VAL B 93 11.49 -2.01 -40.43
C VAL B 93 11.66 -1.51 -41.86
N TYR B 94 11.04 -2.20 -42.81
CA TYR B 94 11.05 -1.81 -44.23
C TYR B 94 9.68 -1.34 -44.65
N TRP B 95 9.63 -0.17 -45.29
CA TRP B 95 8.40 0.46 -45.75
C TRP B 95 8.37 0.44 -47.27
N CYS B 96 7.21 0.19 -47.86
CA CYS B 96 7.00 0.50 -49.27
C CYS B 96 6.09 1.72 -49.36
N VAL B 97 6.34 2.55 -50.37
CA VAL B 97 5.80 3.89 -50.47
C VAL B 97 5.43 4.14 -51.92
N ARG B 98 4.17 4.47 -52.19
CA ARG B 98 3.76 4.81 -53.55
C ARG B 98 3.96 6.30 -53.78
N GLU B 99 4.38 6.64 -55.00
CA GLU B 99 4.42 8.01 -55.48
C GLU B 99 3.18 8.78 -55.02
N ARG B 100 3.38 9.99 -54.53
CA ARG B 100 2.30 10.72 -53.90
C ARG B 100 1.37 11.38 -54.91
N ASP B 101 0.06 11.42 -54.60
CA ASP B 101 -0.92 12.19 -55.37
C ASP B 101 -1.81 13.01 -54.42
N ASN B 102 -2.80 13.69 -55.00
CA ASN B 102 -3.56 14.70 -54.27
C ASN B 102 -4.38 14.13 -53.13
N TYR B 103 -4.82 12.87 -53.24
CA TYR B 103 -5.74 12.29 -52.27
C TYR B 103 -5.03 11.56 -51.12
N GLY B 104 -3.81 11.97 -50.78
CA GLY B 104 -3.05 11.38 -49.70
C GLY B 104 -1.70 10.86 -50.15
N VAL B 105 -0.86 10.55 -49.16
CA VAL B 105 0.39 9.85 -49.40
C VAL B 105 0.18 8.41 -48.99
N TYR B 106 0.98 7.50 -49.55
CA TYR B 106 0.62 6.09 -49.54
C TYR B 106 1.80 5.24 -49.08
N TRP B 107 1.90 5.05 -47.77
CA TRP B 107 2.89 4.18 -47.16
C TRP B 107 2.21 2.87 -46.76
N GLY B 108 2.91 1.75 -46.95
CA GLY B 108 2.50 0.49 -46.38
C GLY B 108 2.59 0.55 -44.87
N GLN B 109 2.24 -0.57 -44.23
CA GLN B 109 2.25 -0.62 -42.77
C GLN B 109 3.59 -1.06 -42.20
N GLY B 110 4.55 -1.41 -43.05
CA GLY B 110 5.87 -1.77 -42.57
C GLY B 110 6.01 -3.27 -42.34
N THR B 111 7.22 -3.77 -42.61
CA THR B 111 7.58 -5.16 -42.32
C THR B 111 8.82 -5.16 -41.43
N THR B 112 8.73 -5.83 -40.27
CA THR B 112 9.87 -5.90 -39.36
C THR B 112 10.67 -7.17 -39.66
N LEU B 113 11.90 -6.99 -40.15
CA LEU B 113 12.83 -8.09 -40.38
C LEU B 113 13.80 -8.18 -39.22
N THR B 114 13.95 -9.38 -38.66
CA THR B 114 14.98 -9.67 -37.67
C THR B 114 15.90 -10.72 -38.25
N VAL B 115 17.18 -10.40 -38.35
CA VAL B 115 18.20 -11.33 -38.83
C VAL B 115 18.98 -11.82 -37.61
N SER B 116 18.78 -13.09 -37.26
CA SER B 116 19.34 -13.63 -36.02
C SER B 116 19.45 -15.14 -36.12
N SER B 117 20.47 -15.69 -35.45
CA SER B 117 20.57 -17.14 -35.36
C SER B 117 19.71 -17.71 -34.23
N ALA B 118 19.16 -16.86 -33.37
CA ALA B 118 18.37 -17.34 -32.25
C ALA B 118 17.01 -17.86 -32.72
N LYS B 119 16.50 -18.87 -32.02
CA LYS B 119 15.25 -19.48 -32.42
C LYS B 119 14.07 -18.68 -31.87
N THR B 120 12.91 -18.89 -32.47
CA THR B 120 11.69 -18.23 -32.01
C THR B 120 11.28 -18.78 -30.65
N THR B 121 10.94 -17.87 -29.71
CA THR B 121 10.38 -18.24 -28.41
C THR B 121 9.10 -17.44 -28.20
N PRO B 122 7.97 -18.10 -27.97
CA PRO B 122 6.71 -17.35 -27.71
C PRO B 122 6.73 -16.74 -26.32
N PRO B 123 5.99 -15.67 -26.11
CA PRO B 123 5.96 -15.05 -24.77
C PRO B 123 5.18 -15.88 -23.77
N SER B 124 5.56 -15.78 -22.50
CA SER B 124 4.70 -16.20 -21.40
C SER B 124 3.94 -14.98 -20.91
N VAL B 125 2.61 -15.10 -20.83
CA VAL B 125 1.78 -13.93 -20.54
C VAL B 125 1.14 -14.11 -19.18
N TYR B 126 1.39 -13.17 -18.28
CA TYR B 126 0.91 -13.26 -16.92
C TYR B 126 -0.01 -12.09 -16.61
N PRO B 127 -1.11 -12.35 -15.90
CA PRO B 127 -2.03 -11.26 -15.53
C PRO B 127 -1.50 -10.48 -14.33
N LEU B 128 -1.70 -9.17 -14.37
CA LEU B 128 -1.31 -8.28 -13.29
C LEU B 128 -2.60 -7.72 -12.72
N ALA B 129 -3.04 -8.28 -11.61
CA ALA B 129 -4.25 -7.88 -10.91
C ALA B 129 -3.89 -7.39 -9.52
N PRO B 130 -4.68 -6.47 -8.95
CA PRO B 130 -4.44 -5.94 -7.60
C PRO B 130 -4.17 -7.02 -6.55
N SER B 138 -13.29 4.20 -8.05
CA SER B 138 -12.30 5.03 -8.75
C SER B 138 -11.63 4.26 -9.89
N MET B 139 -10.48 4.79 -10.36
CA MET B 139 -9.79 4.26 -11.53
C MET B 139 -8.73 3.26 -11.07
N VAL B 140 -8.93 1.98 -11.41
CA VAL B 140 -7.99 0.93 -11.02
C VAL B 140 -7.12 0.57 -12.22
N THR B 141 -5.86 0.23 -11.95
CA THR B 141 -4.92 -0.09 -13.00
C THR B 141 -4.70 -1.61 -13.01
N LEU B 142 -4.87 -2.21 -14.18
CA LEU B 142 -4.62 -3.63 -14.40
C LEU B 142 -3.45 -3.75 -15.37
N GLY B 143 -2.89 -4.96 -15.45
CA GLY B 143 -1.77 -5.10 -16.35
C GLY B 143 -1.59 -6.50 -16.87
N CYS B 144 -0.57 -6.63 -17.71
CA CYS B 144 -0.27 -7.85 -18.44
C CYS B 144 1.25 -7.86 -18.63
N LEU B 145 1.93 -8.89 -18.09
CA LEU B 145 3.38 -9.05 -18.25
C LEU B 145 3.64 -10.03 -19.39
N VAL B 146 4.38 -9.58 -20.40
CA VAL B 146 4.62 -10.33 -21.63
C VAL B 146 6.11 -10.67 -21.61
N LYS B 147 6.46 -11.87 -21.13
CA LYS B 147 7.83 -12.14 -20.69
C LYS B 147 8.54 -13.18 -21.56
N GLY B 148 9.79 -12.87 -21.93
CA GLY B 148 10.71 -13.85 -22.49
C GLY B 148 10.41 -14.34 -23.90
N TYR B 149 10.22 -13.43 -24.85
CA TYR B 149 9.92 -13.83 -26.21
C TYR B 149 11.03 -13.37 -27.17
N PHE B 150 11.03 -13.97 -28.35
CA PHE B 150 11.95 -13.59 -29.42
C PHE B 150 11.39 -14.09 -30.73
N PRO B 151 11.43 -13.30 -31.80
CA PRO B 151 11.91 -11.92 -31.89
C PRO B 151 10.81 -10.91 -31.60
N GLU B 152 11.16 -9.63 -31.72
CA GLU B 152 10.14 -8.61 -31.90
C GLU B 152 9.50 -8.75 -33.29
N PRO B 153 8.26 -8.30 -33.47
CA PRO B 153 7.42 -7.64 -32.47
C PRO B 153 6.40 -8.57 -31.81
N VAL B 154 5.68 -8.00 -30.86
CA VAL B 154 4.46 -8.59 -30.33
C VAL B 154 3.37 -7.53 -30.41
N THR B 155 2.12 -7.98 -30.50
CA THR B 155 0.97 -7.07 -30.58
C THR B 155 0.10 -7.26 -29.34
N VAL B 156 0.01 -6.23 -28.50
CA VAL B 156 -0.80 -6.25 -27.28
C VAL B 156 -2.02 -5.37 -27.50
N THR B 157 -3.19 -5.88 -27.14
CA THR B 157 -4.42 -5.11 -27.11
C THR B 157 -5.20 -5.51 -25.86
N TRP B 158 -6.27 -4.78 -25.61
CA TRP B 158 -7.13 -5.04 -24.46
C TRP B 158 -8.56 -5.15 -24.94
N ASN B 159 -9.27 -6.17 -24.47
CA ASN B 159 -10.63 -6.45 -24.94
C ASN B 159 -10.70 -6.38 -26.47
N SER B 160 -9.76 -7.09 -27.11
CA SER B 160 -9.69 -7.23 -28.56
C SER B 160 -9.60 -5.90 -29.28
N GLY B 161 -9.14 -4.87 -28.59
CA GLY B 161 -8.94 -3.57 -29.20
C GLY B 161 -10.05 -2.56 -28.94
N SER B 162 -11.18 -3.00 -28.38
CA SER B 162 -12.25 -2.07 -28.05
C SER B 162 -11.96 -1.26 -26.80
N LEU B 163 -11.00 -1.70 -25.99
CA LEU B 163 -10.51 -0.94 -24.85
C LEU B 163 -9.14 -0.38 -25.25
N SER B 164 -9.08 0.94 -25.50
CA SER B 164 -7.89 1.53 -26.10
C SER B 164 -7.42 2.79 -25.38
N SER B 165 -8.32 3.49 -24.72
CA SER B 165 -7.91 4.66 -23.96
C SER B 165 -7.46 4.26 -22.57
N GLY B 166 -6.46 4.97 -22.05
CA GLY B 166 -5.89 4.62 -20.76
C GLY B 166 -4.96 3.43 -20.80
N VAL B 167 -4.39 3.10 -21.96
CA VAL B 167 -3.47 1.97 -22.12
C VAL B 167 -2.05 2.52 -22.21
N HIS B 168 -1.12 1.86 -21.51
CA HIS B 168 0.30 2.12 -21.68
C HIS B 168 0.98 0.78 -21.97
N THR B 169 1.44 0.61 -23.21
CA THR B 169 2.23 -0.55 -23.61
C THR B 169 3.66 -0.09 -23.79
N PHE B 170 4.56 -0.64 -22.97
CA PHE B 170 5.93 -0.17 -22.88
C PHE B 170 6.83 -0.87 -23.87
N PRO B 171 7.90 -0.19 -24.28
CA PRO B 171 8.91 -0.82 -25.13
C PRO B 171 9.52 -2.05 -24.46
N ALA B 172 9.78 -3.06 -25.27
CA ALA B 172 10.42 -4.26 -24.77
C ALA B 172 11.88 -3.99 -24.42
N VAL B 173 12.39 -4.70 -23.43
CA VAL B 173 13.80 -4.66 -23.08
C VAL B 173 14.36 -6.07 -23.25
N LEU B 174 15.60 -6.15 -23.73
CA LEU B 174 16.25 -7.43 -23.94
C LEU B 174 16.96 -7.85 -22.67
N GLN B 175 16.68 -9.07 -22.22
CA GLN B 175 17.23 -9.61 -20.99
C GLN B 175 17.50 -11.08 -21.23
N SER B 176 18.78 -11.48 -21.12
CA SER B 176 19.21 -12.85 -21.39
C SER B 176 18.68 -13.36 -22.73
N ASP B 177 18.93 -12.56 -23.78
CA ASP B 177 18.63 -12.90 -25.18
C ASP B 177 17.13 -13.05 -25.45
N LEU B 178 16.27 -12.57 -24.55
CA LEU B 178 14.83 -12.57 -24.76
C LEU B 178 14.26 -11.20 -24.41
N TYR B 179 13.14 -10.86 -25.04
CA TYR B 179 12.47 -9.60 -24.82
C TYR B 179 11.35 -9.76 -23.79
N THR B 180 11.14 -8.69 -23.02
CA THR B 180 10.06 -8.62 -22.04
C THR B 180 9.46 -7.22 -22.10
N LEU B 181 8.13 -7.16 -22.12
CA LEU B 181 7.42 -5.90 -21.93
C LEU B 181 6.21 -6.15 -21.04
N SER B 182 5.61 -5.05 -20.57
CA SER B 182 4.35 -5.08 -19.85
C SER B 182 3.41 -4.06 -20.48
N SER B 183 2.13 -4.20 -20.18
CA SER B 183 1.12 -3.26 -20.64
C SER B 183 0.17 -2.98 -19.47
N SER B 184 -0.20 -1.73 -19.27
CA SER B 184 -1.17 -1.40 -18.24
C SER B 184 -2.42 -0.80 -18.88
N VAL B 185 -3.55 -0.99 -18.21
CA VAL B 185 -4.80 -0.37 -18.61
C VAL B 185 -5.48 0.16 -17.36
N THR B 186 -6.09 1.33 -17.48
CA THR B 186 -6.76 1.94 -16.34
C THR B 186 -8.23 2.11 -16.69
N VAL B 187 -9.10 1.54 -15.86
CA VAL B 187 -10.54 1.51 -16.10
C VAL B 187 -11.26 1.80 -14.80
N THR B 188 -12.50 2.25 -14.93
CA THR B 188 -13.32 2.55 -13.77
C THR B 188 -13.63 1.28 -12.99
N SER B 189 -13.61 1.39 -11.65
CA SER B 189 -13.95 0.24 -10.81
C SER B 189 -15.37 -0.25 -11.03
N SER B 190 -16.28 0.62 -11.48
CA SER B 190 -17.65 0.21 -11.76
C SER B 190 -17.75 -0.75 -12.93
N THR B 191 -16.64 -1.02 -13.64
CA THR B 191 -16.65 -1.90 -14.78
C THR B 191 -15.76 -3.13 -14.61
N TRP B 192 -15.03 -3.23 -13.50
CA TRP B 192 -14.17 -4.38 -13.26
C TRP B 192 -14.23 -4.68 -11.77
N PRO B 193 -14.48 -5.94 -11.38
CA PRO B 193 -14.61 -7.10 -12.27
C PRO B 193 -16.00 -7.41 -12.80
N SER B 194 -16.95 -6.48 -12.69
CA SER B 194 -18.31 -6.75 -13.18
C SER B 194 -18.31 -6.99 -14.69
N GLN B 195 -17.42 -6.35 -15.43
CA GLN B 195 -17.23 -6.68 -16.83
C GLN B 195 -15.82 -7.17 -17.05
N THR B 196 -15.67 -8.03 -18.06
CA THR B 196 -14.38 -8.69 -18.27
C THR B 196 -13.34 -7.71 -18.82
N ILE B 197 -12.10 -7.92 -18.41
CA ILE B 197 -10.96 -7.23 -18.99
C ILE B 197 -9.92 -8.29 -19.35
N THR B 198 -9.52 -8.30 -20.62
CA THR B 198 -8.61 -9.30 -21.15
C THR B 198 -7.53 -8.60 -21.93
N CYS B 199 -6.27 -8.99 -21.71
CA CYS B 199 -5.22 -8.57 -22.61
C CYS B 199 -5.01 -9.67 -23.64
N ASN B 200 -4.86 -9.26 -24.89
CA ASN B 200 -4.64 -10.17 -26.00
C ASN B 200 -3.22 -9.94 -26.47
N VAL B 201 -2.42 -11.00 -26.50
CA VAL B 201 -1.01 -10.93 -26.86
C VAL B 201 -0.77 -11.83 -28.07
N ALA B 202 -0.43 -11.22 -29.20
CA ALA B 202 -0.21 -11.95 -30.44
C ALA B 202 1.24 -11.81 -30.85
N HIS B 203 1.93 -12.94 -31.03
CA HIS B 203 3.34 -12.98 -31.40
C HIS B 203 3.48 -13.57 -32.80
N PRO B 204 3.73 -12.76 -33.84
CA PRO B 204 3.71 -13.30 -35.22
C PRO B 204 4.72 -14.41 -35.49
N ALA B 205 5.95 -14.29 -35.01
CA ALA B 205 6.97 -15.29 -35.34
C ALA B 205 6.60 -16.70 -34.89
N SER B 206 5.88 -16.84 -33.78
CA SER B 206 5.44 -18.14 -33.31
C SER B 206 3.99 -18.43 -33.68
N SER B 207 3.33 -17.50 -34.37
CA SER B 207 1.90 -17.61 -34.70
C SER B 207 1.07 -17.96 -33.45
N THR B 208 1.39 -17.37 -32.30
CA THR B 208 0.63 -17.64 -31.09
C THR B 208 -0.08 -16.38 -30.64
N LYS B 209 -1.31 -16.57 -30.18
CA LYS B 209 -2.11 -15.50 -29.59
C LYS B 209 -2.70 -16.01 -28.30
N VAL B 210 -2.53 -15.24 -27.23
CA VAL B 210 -3.01 -15.58 -25.90
C VAL B 210 -4.04 -14.53 -25.50
N ASP B 211 -5.13 -14.97 -24.91
CA ASP B 211 -6.11 -14.09 -24.28
C ASP B 211 -6.07 -14.38 -22.79
N LYS B 212 -5.60 -13.40 -22.01
CA LYS B 212 -5.41 -13.57 -20.58
C LYS B 212 -6.42 -12.70 -19.85
N LYS B 213 -7.43 -13.33 -19.26
CA LYS B 213 -8.42 -12.58 -18.50
C LYS B 213 -7.83 -12.13 -17.17
N ILE B 214 -8.09 -10.89 -16.81
CA ILE B 214 -7.59 -10.33 -15.56
C ILE B 214 -8.65 -10.53 -14.49
N VAL B 215 -8.30 -11.27 -13.45
CA VAL B 215 -9.27 -11.67 -12.42
C VAL B 215 -8.71 -11.24 -11.07
N PRO B 216 -9.56 -10.71 -10.17
CA PRO B 216 -9.07 -10.33 -8.83
C PRO B 216 -8.35 -11.49 -8.16
N GLU B 217 -7.29 -11.16 -7.41
CA GLU B 217 -6.39 -12.15 -6.81
C GLU B 217 -7.06 -13.01 -5.73
N ASP C 1 3.47 -6.98 58.88
CA ASP C 1 2.49 -7.62 57.99
C ASP C 1 3.04 -8.92 57.41
N VAL C 2 2.14 -9.81 56.99
CA VAL C 2 2.54 -11.02 56.28
C VAL C 2 2.80 -10.62 54.83
N LEU C 3 4.07 -10.70 54.44
CA LEU C 3 4.45 -10.44 53.06
C LEU C 3 4.27 -11.72 52.25
N LEU C 4 3.60 -11.62 51.10
CA LEU C 4 3.37 -12.77 50.22
C LEU C 4 4.13 -12.52 48.91
N THR C 5 5.05 -13.42 48.61
CA THR C 5 5.94 -13.32 47.46
C THR C 5 5.56 -14.40 46.46
N GLN C 6 5.21 -14.00 45.24
CA GLN C 6 4.81 -14.95 44.21
C GLN C 6 5.96 -15.18 43.23
N THR C 7 6.15 -16.44 42.84
CA THR C 7 7.14 -16.86 41.86
C THR C 7 6.47 -17.78 40.86
N PRO C 8 6.60 -17.54 39.55
CA PRO C 8 7.32 -16.42 38.93
C PRO C 8 6.42 -15.19 38.78
N LEU C 9 6.97 -14.09 38.26
CA LEU C 9 6.15 -12.91 38.02
C LEU C 9 5.32 -13.05 36.75
N SER C 10 5.88 -13.69 35.72
CA SER C 10 5.20 -13.92 34.47
C SER C 10 5.43 -15.37 34.05
N LEU C 11 4.41 -15.94 33.43
CA LEU C 11 4.33 -17.40 33.28
C LEU C 11 3.70 -17.71 31.93
N PRO C 12 4.52 -17.87 30.89
CA PRO C 12 3.99 -18.34 29.59
C PRO C 12 3.78 -19.85 29.60
N VAL C 13 2.59 -20.28 29.16
CA VAL C 13 2.19 -21.68 29.20
C VAL C 13 1.41 -21.99 27.94
N SER C 14 1.69 -23.14 27.33
CA SER C 14 0.96 -23.60 26.14
C SER C 14 -0.38 -24.20 26.52
N LEU C 15 -1.30 -24.18 25.55
CA LEU C 15 -2.62 -24.77 25.75
C LEU C 15 -2.51 -26.23 26.15
N GLY C 16 -3.32 -26.63 27.14
CA GLY C 16 -3.34 -27.99 27.61
C GLY C 16 -2.21 -28.38 28.54
N ASP C 17 -1.21 -27.51 28.74
CA ASP C 17 -0.12 -27.76 29.66
C ASP C 17 -0.48 -27.32 31.08
N GLN C 18 0.43 -27.62 32.01
CA GLN C 18 0.22 -27.31 33.42
C GLN C 18 1.00 -26.06 33.80
N ALA C 19 0.38 -25.22 34.63
CA ALA C 19 1.02 -24.03 35.15
C ALA C 19 1.09 -24.12 36.67
N SER C 20 2.18 -23.65 37.24
CA SER C 20 2.41 -23.77 38.67
C SER C 20 2.91 -22.44 39.19
N ILE C 21 2.28 -21.92 40.23
CA ILE C 21 2.60 -20.62 40.80
C ILE C 21 2.85 -20.80 42.29
N SER C 22 3.97 -20.27 42.77
CA SER C 22 4.32 -20.36 44.18
C SER C 22 3.97 -19.08 44.92
N CYS C 23 3.58 -19.24 46.19
CA CYS C 23 3.26 -18.11 47.07
C CYS C 23 3.96 -18.38 48.40
N ARG C 24 4.95 -17.54 48.75
CA ARG C 24 5.71 -17.73 49.98
C ARG C 24 5.38 -16.60 50.95
N SER C 25 5.11 -16.94 52.21
CA SER C 25 4.80 -15.97 53.24
C SER C 25 6.03 -15.70 54.10
N SER C 26 6.17 -14.45 54.54
CA SER C 26 7.28 -14.16 55.46
C SER C 26 7.04 -14.73 56.85
N GLN C 27 5.83 -15.16 57.16
CA GLN C 27 5.54 -15.73 58.47
C GLN C 27 4.36 -16.68 58.36
N SER C 28 4.22 -17.53 59.37
CA SER C 28 3.15 -18.52 59.39
C SER C 28 1.79 -17.86 59.20
N ILE C 29 0.85 -18.61 58.62
CA ILE C 29 -0.50 -18.08 58.40
C ILE C 29 -1.57 -19.06 58.85
N VAL C 30 -1.29 -19.83 59.90
CA VAL C 30 -2.34 -20.64 60.51
C VAL C 30 -3.10 -19.78 61.51
N HIS C 31 -4.43 -19.76 61.38
CA HIS C 31 -5.26 -18.93 62.24
C HIS C 31 -5.34 -19.56 63.64
N SER C 32 -5.93 -18.80 64.58
CA SER C 32 -6.17 -19.31 65.93
C SER C 32 -6.93 -20.63 65.91
N ASN C 33 -7.92 -20.76 65.02
CA ASN C 33 -8.78 -21.95 65.00
C ASN C 33 -8.13 -23.12 64.28
N GLY C 34 -6.85 -23.01 63.91
CA GLY C 34 -6.16 -24.10 63.25
C GLY C 34 -6.24 -24.11 61.73
N ASN C 35 -7.10 -23.29 61.13
CA ASN C 35 -7.20 -23.25 59.68
C ASN C 35 -6.14 -22.32 59.09
N THR C 36 -5.78 -22.56 57.83
CA THR C 36 -4.86 -21.70 57.09
C THR C 36 -5.66 -21.00 55.99
N TYR C 37 -5.91 -19.71 56.18
CA TYR C 37 -6.78 -18.96 55.26
C TYR C 37 -5.94 -18.34 54.15
N LEU C 38 -5.42 -19.21 53.29
CA LEU C 38 -4.73 -18.78 52.09
C LEU C 38 -5.63 -19.03 50.89
N GLU C 39 -5.86 -17.99 50.09
CA GLU C 39 -6.74 -18.08 48.93
C GLU C 39 -5.98 -17.73 47.65
N TRP C 40 -6.52 -18.18 46.52
CA TRP C 40 -6.03 -17.83 45.20
C TRP C 40 -7.17 -17.21 44.39
N TYR C 41 -6.90 -16.06 43.77
CA TYR C 41 -7.79 -15.39 42.85
C TYR C 41 -7.19 -15.28 41.46
N LEU C 42 -8.06 -15.25 40.46
CA LEU C 42 -7.73 -14.87 39.09
C LEU C 42 -8.41 -13.55 38.75
N GLN C 43 -7.63 -12.56 38.31
CA GLN C 43 -8.19 -11.32 37.78
C GLN C 43 -7.95 -11.29 36.28
N LYS C 44 -9.01 -11.48 35.51
CA LYS C 44 -8.94 -11.38 34.07
C LYS C 44 -8.88 -9.91 33.67
N PRO C 45 -8.31 -9.61 32.48
CA PRO C 45 -8.20 -8.21 32.05
C PRO C 45 -9.53 -7.50 32.11
N GLY C 46 -9.60 -6.43 32.89
CA GLY C 46 -10.78 -5.59 32.96
C GLY C 46 -11.88 -6.07 33.89
N GLN C 47 -11.63 -7.07 34.72
CA GLN C 47 -12.64 -7.69 35.56
C GLN C 47 -12.27 -7.59 37.03
N SER C 48 -13.26 -7.86 37.91
CA SER C 48 -12.98 -8.06 39.32
C SER C 48 -12.39 -9.45 39.55
N PRO C 49 -11.60 -9.63 40.61
CA PRO C 49 -10.97 -10.92 40.86
C PRO C 49 -12.01 -12.00 41.12
N GLU C 50 -11.74 -13.20 40.64
CA GLU C 50 -12.60 -14.36 40.88
C GLU C 50 -11.87 -15.32 41.82
N LEU C 51 -12.58 -15.81 42.83
CA LEU C 51 -11.99 -16.73 43.80
C LEU C 51 -11.89 -18.15 43.23
N LEU C 52 -10.70 -18.74 43.31
CA LEU C 52 -10.46 -20.10 42.82
C LEU C 52 -10.31 -21.12 43.93
N ILE C 53 -9.46 -20.84 44.91
CA ILE C 53 -9.08 -21.80 45.95
C ILE C 53 -9.20 -21.09 47.29
N TYR C 54 -9.63 -21.81 48.33
CA TYR C 54 -9.69 -21.23 49.66
C TYR C 54 -9.20 -22.28 50.66
N LYS C 55 -8.70 -21.80 51.79
CA LYS C 55 -8.07 -22.64 52.81
C LYS C 55 -7.06 -23.61 52.19
N VAL C 56 -6.14 -23.04 51.40
CA VAL C 56 -4.99 -23.69 50.76
C VAL C 56 -5.38 -24.60 49.60
N SER C 57 -6.37 -25.48 49.78
CA SER C 57 -6.57 -26.56 48.83
C SER C 57 -8.01 -26.83 48.43
N ASN C 58 -8.98 -26.05 48.90
CA ASN C 58 -10.38 -26.31 48.59
C ASN C 58 -10.80 -25.48 47.39
N ARG C 59 -11.31 -26.17 46.36
CA ARG C 59 -11.80 -25.46 45.18
C ARG C 59 -13.09 -24.75 45.50
N PHE C 60 -13.21 -23.50 45.08
CA PHE C 60 -14.40 -22.73 45.38
C PHE C 60 -15.54 -23.16 44.47
N TYR C 61 -16.76 -22.77 44.86
CA TYR C 61 -17.96 -23.09 44.10
C TYR C 61 -17.78 -22.76 42.62
N GLY C 62 -18.16 -23.70 41.76
CA GLY C 62 -18.13 -23.48 40.32
C GLY C 62 -16.75 -23.44 39.70
N VAL C 63 -15.69 -23.77 40.45
CA VAL C 63 -14.34 -23.70 39.92
C VAL C 63 -13.95 -25.05 39.33
N PRO C 64 -13.48 -25.09 38.09
CA PRO C 64 -13.18 -26.38 37.44
C PRO C 64 -12.10 -27.17 38.14
N ASP C 65 -12.13 -28.48 37.90
CA ASP C 65 -11.26 -29.43 38.58
C ASP C 65 -9.78 -29.18 38.29
N ARG C 66 -9.47 -28.57 37.14
CA ARG C 66 -8.07 -28.41 36.78
C ARG C 66 -7.34 -27.41 37.66
N PHE C 67 -8.05 -26.65 38.51
CA PHE C 67 -7.41 -25.78 39.48
C PHE C 67 -7.28 -26.51 40.81
N SER C 68 -6.07 -26.53 41.35
CA SER C 68 -5.78 -27.21 42.61
C SER C 68 -4.77 -26.40 43.39
N GLY C 69 -4.85 -26.50 44.71
CA GLY C 69 -3.93 -25.79 45.57
C GLY C 69 -3.39 -26.72 46.62
N SER C 70 -2.17 -26.42 47.08
CA SER C 70 -1.52 -27.22 48.11
C SER C 70 -0.47 -26.37 48.81
N GLY C 71 0.11 -26.94 49.87
CA GLY C 71 1.22 -26.32 50.56
C GLY C 71 1.05 -26.38 52.06
N SER C 72 2.11 -25.94 52.75
CA SER C 72 2.19 -25.90 54.19
C SER C 72 3.45 -25.13 54.56
N GLY C 73 3.61 -24.87 55.86
CA GLY C 73 4.73 -24.07 56.32
C GLY C 73 4.58 -22.63 55.87
N THR C 74 5.44 -22.18 54.96
CA THR C 74 5.31 -20.84 54.40
C THR C 74 5.31 -20.87 52.87
N ASP C 75 5.07 -22.00 52.23
CA ASP C 75 5.12 -22.09 50.78
C ASP C 75 3.89 -22.84 50.28
N PHE C 76 3.11 -22.18 49.43
CA PHE C 76 1.82 -22.64 48.97
C PHE C 76 1.77 -22.52 47.45
N THR C 77 1.16 -23.49 46.79
CA THR C 77 1.29 -23.61 45.34
C THR C 77 -0.09 -23.78 44.72
N LEU C 78 -0.30 -23.06 43.63
CA LEU C 78 -1.47 -23.22 42.77
C LEU C 78 -1.02 -23.92 41.49
N LYS C 79 -1.73 -24.98 41.11
CA LYS C 79 -1.50 -25.66 39.83
C LYS C 79 -2.75 -25.54 38.97
N ILE C 80 -2.55 -25.13 37.72
CA ILE C 80 -3.61 -25.09 36.70
C ILE C 80 -3.23 -26.16 35.68
N SER C 81 -3.96 -27.28 35.70
CA SER C 81 -3.40 -28.52 35.16
C SER C 81 -3.56 -28.70 33.65
N ARG C 82 -4.53 -28.02 33.03
CA ARG C 82 -4.75 -28.15 31.56
C ARG C 82 -5.24 -26.79 31.07
N VAL C 83 -4.28 -25.90 30.82
CA VAL C 83 -4.57 -24.49 30.65
C VAL C 83 -5.40 -24.24 29.39
N GLU C 84 -6.42 -23.41 29.54
CA GLU C 84 -7.26 -22.94 28.44
C GLU C 84 -7.05 -21.44 28.24
N ALA C 85 -7.40 -20.95 27.04
CA ALA C 85 -7.15 -19.54 26.72
C ALA C 85 -7.79 -18.62 27.75
N GLU C 86 -8.97 -18.99 28.27
CA GLU C 86 -9.69 -18.16 29.23
C GLU C 86 -9.01 -18.10 30.60
N ASP C 87 -7.94 -18.87 30.82
CA ASP C 87 -7.23 -18.84 32.08
C ASP C 87 -6.24 -17.69 32.20
N LEU C 88 -6.03 -16.92 31.13
CA LEU C 88 -5.06 -15.83 31.14
C LEU C 88 -5.50 -14.72 32.11
N GLY C 89 -4.52 -13.96 32.57
CA GLY C 89 -4.79 -12.91 33.50
C GLY C 89 -3.74 -12.89 34.60
N VAL C 90 -4.09 -12.27 35.73
CA VAL C 90 -3.15 -12.12 36.83
C VAL C 90 -3.67 -12.93 38.01
N TYR C 91 -2.85 -13.86 38.48
CA TYR C 91 -3.20 -14.70 39.62
C TYR C 91 -2.62 -14.08 40.87
N TYR C 92 -3.44 -13.98 41.92
CA TYR C 92 -3.02 -13.45 43.22
C TYR C 92 -3.25 -14.47 44.31
N CYS C 93 -2.24 -14.72 45.15
CA CYS C 93 -2.56 -15.32 46.43
C CYS C 93 -2.96 -14.24 47.44
N PHE C 94 -3.59 -14.68 48.51
CA PHE C 94 -4.21 -13.78 49.47
C PHE C 94 -4.34 -14.52 50.80
N GLN C 95 -4.00 -13.86 51.90
CA GLN C 95 -4.16 -14.44 53.23
C GLN C 95 -5.05 -13.53 54.05
N ASP C 96 -6.03 -14.11 54.75
CA ASP C 96 -6.72 -13.37 55.81
C ASP C 96 -6.69 -14.16 57.12
N SER C 97 -5.57 -14.85 57.39
CA SER C 97 -5.32 -15.45 58.69
C SER C 97 -4.94 -14.41 59.73
N HIS C 98 -4.26 -13.33 59.31
CA HIS C 98 -3.74 -12.31 60.22
C HIS C 98 -4.04 -10.94 59.66
N ILE C 99 -4.42 -10.02 60.52
CA ILE C 99 -4.70 -8.64 60.13
C ILE C 99 -3.38 -7.85 60.10
N PRO C 100 -3.10 -7.05 59.06
CA PRO C 100 -3.98 -6.79 57.90
C PRO C 100 -3.94 -7.90 56.86
N TYR C 101 -5.06 -8.11 56.19
CA TYR C 101 -5.07 -9.05 55.08
C TYR C 101 -4.17 -8.54 53.96
N THR C 102 -3.50 -9.46 53.27
CA THR C 102 -2.51 -9.07 52.27
C THR C 102 -2.62 -9.96 51.04
N PHE C 103 -2.30 -9.36 49.88
CA PHE C 103 -2.17 -10.05 48.61
C PHE C 103 -0.70 -10.21 48.24
N GLY C 104 -0.40 -11.27 47.50
CA GLY C 104 0.86 -11.33 46.78
C GLY C 104 0.87 -10.32 45.64
N GLY C 105 2.03 -10.18 45.02
CA GLY C 105 2.20 -9.20 43.95
C GLY C 105 1.51 -9.56 42.64
N GLY C 106 1.06 -10.79 42.48
CA GLY C 106 0.42 -11.19 41.25
C GLY C 106 1.39 -11.90 40.32
N THR C 107 0.86 -12.87 39.56
CA THR C 107 1.61 -13.60 38.55
C THR C 107 0.79 -13.55 37.28
N ARG C 108 1.39 -13.07 36.19
CA ARG C 108 0.65 -12.92 34.94
C ARG C 108 0.82 -14.19 34.11
N LEU C 109 -0.30 -14.86 33.84
CA LEU C 109 -0.29 -16.05 33.00
C LEU C 109 -0.45 -15.60 31.56
N GLU C 110 0.52 -15.94 30.71
CA GLU C 110 0.44 -15.67 29.28
C GLU C 110 0.20 -16.97 28.52
N ILE C 111 -0.81 -16.98 27.65
CA ILE C 111 -1.03 -18.15 26.80
C ILE C 111 -0.03 -18.12 25.66
N LYS C 112 0.70 -19.22 25.48
CA LYS C 112 1.53 -19.41 24.30
C LYS C 112 0.68 -19.93 23.15
N ARG C 113 0.91 -19.36 21.97
CA ARG C 113 0.26 -19.80 20.74
C ARG C 113 1.27 -19.69 19.62
N ALA C 114 0.85 -20.08 18.42
CA ALA C 114 1.73 -19.97 17.27
C ALA C 114 1.98 -18.50 16.96
N ASP C 115 3.16 -18.23 16.41
CA ASP C 115 3.47 -16.88 15.96
C ASP C 115 2.42 -16.43 14.95
N ALA C 116 2.05 -15.15 15.01
CA ALA C 116 1.09 -14.59 14.09
C ALA C 116 1.54 -13.18 13.73
N ALA C 117 1.63 -12.91 12.42
CA ALA C 117 2.02 -11.58 11.97
C ALA C 117 0.86 -10.60 12.18
N PRO C 118 1.15 -9.33 12.45
CA PRO C 118 0.05 -8.37 12.60
C PRO C 118 -0.64 -8.10 11.27
N THR C 119 -1.94 -7.86 11.34
CA THR C 119 -2.67 -7.16 10.28
C THR C 119 -2.40 -5.68 10.47
N VAL C 120 -1.65 -5.07 9.55
CA VAL C 120 -1.20 -3.69 9.70
C VAL C 120 -2.04 -2.80 8.80
N SER C 121 -2.51 -1.67 9.34
CA SER C 121 -3.31 -0.70 8.57
C SER C 121 -2.86 0.71 8.92
N ILE C 122 -2.56 1.53 7.90
CA ILE C 122 -2.11 2.90 8.12
C ILE C 122 -3.18 3.87 7.62
N PHE C 123 -3.30 5.01 8.31
CA PHE C 123 -4.36 5.97 8.04
C PHE C 123 -3.77 7.37 7.95
N PRO C 124 -3.98 8.09 6.86
CA PRO C 124 -3.52 9.48 6.77
C PRO C 124 -4.33 10.37 7.70
N PRO C 125 -3.84 11.58 7.97
CA PRO C 125 -4.65 12.54 8.73
C PRO C 125 -6.00 12.75 8.05
N SER C 126 -7.03 12.87 8.88
CA SER C 126 -8.37 13.18 8.39
C SER C 126 -8.43 14.63 7.90
N SER C 127 -9.31 14.88 6.94
CA SER C 127 -9.45 16.26 6.47
C SER C 127 -9.85 17.18 7.60
N GLU C 128 -10.64 16.68 8.56
CA GLU C 128 -11.11 17.52 9.64
C GLU C 128 -9.97 17.89 10.58
N GLN C 129 -9.08 16.96 10.91
CA GLN C 129 -7.94 17.34 11.73
C GLN C 129 -7.06 18.35 11.03
N LEU C 130 -6.87 18.17 9.71
CA LEU C 130 -6.02 19.07 8.94
C LEU C 130 -6.54 20.50 8.99
N THR C 131 -7.87 20.67 8.90
CA THR C 131 -8.43 22.02 8.95
C THR C 131 -8.02 22.73 10.24
N SER C 132 -7.84 21.99 11.32
CA SER C 132 -7.48 22.57 12.61
C SER C 132 -5.97 22.71 12.80
N GLY C 133 -5.16 22.36 11.80
CA GLY C 133 -3.74 22.62 11.87
C GLY C 133 -2.87 21.50 12.40
N GLY C 134 -3.46 20.35 12.77
CA GLY C 134 -2.70 19.21 13.22
C GLY C 134 -2.76 18.08 12.20
N ALA C 135 -1.88 17.09 12.37
CA ALA C 135 -1.87 15.98 11.41
C ALA C 135 -1.35 14.74 12.13
N SER C 136 -2.26 13.84 12.47
CA SER C 136 -1.95 12.56 13.08
C SER C 136 -2.04 11.44 12.04
N VAL C 137 -0.98 10.65 11.92
CA VAL C 137 -0.96 9.43 11.13
C VAL C 137 -1.10 8.27 12.10
N VAL C 138 -2.05 7.36 11.84
CA VAL C 138 -2.33 6.24 12.73
C VAL C 138 -2.00 4.92 12.05
N CYS C 139 -1.39 4.02 12.82
CA CYS C 139 -1.06 2.69 12.31
C CYS C 139 -1.50 1.65 13.34
N PHE C 140 -2.36 0.71 12.93
CA PHE C 140 -2.78 -0.39 13.80
C PHE C 140 -1.98 -1.64 13.47
N LEU C 141 -1.47 -2.31 14.51
CA LEU C 141 -0.82 -3.62 14.40
C LEU C 141 -1.71 -4.59 15.17
N ASN C 142 -2.55 -5.34 14.45
CA ASN C 142 -3.64 -6.06 15.09
C ASN C 142 -3.42 -7.57 15.07
N ASN C 143 -3.71 -8.20 16.21
CA ASN C 143 -3.84 -9.65 16.34
C ASN C 143 -2.53 -10.37 16.01
N PHE C 144 -1.45 -9.97 16.68
CA PHE C 144 -0.15 -10.58 16.46
C PHE C 144 0.30 -11.37 17.68
N TYR C 145 1.33 -12.18 17.49
CA TYR C 145 1.94 -12.90 18.61
C TYR C 145 3.35 -13.29 18.19
N PRO C 146 4.36 -13.19 19.08
CA PRO C 146 4.30 -12.77 20.48
C PRO C 146 4.13 -11.26 20.64
N LYS C 147 4.02 -10.78 21.88
CA LYS C 147 3.85 -9.35 22.10
C LYS C 147 5.09 -8.58 21.70
N ASP C 148 6.25 -9.24 21.73
CA ASP C 148 7.52 -8.65 21.35
C ASP C 148 7.52 -8.33 19.86
N ILE C 149 7.16 -7.09 19.53
CA ILE C 149 7.23 -6.57 18.16
C ILE C 149 7.72 -5.13 18.26
N ASN C 150 8.26 -4.62 17.16
CA ASN C 150 8.67 -3.22 17.12
C ASN C 150 7.93 -2.51 15.99
N VAL C 151 7.62 -1.23 16.22
CA VAL C 151 7.00 -0.38 15.21
C VAL C 151 7.88 0.84 14.99
N LYS C 152 8.11 1.16 13.73
CA LYS C 152 8.96 2.29 13.36
C LYS C 152 8.25 3.11 12.30
N TRP C 153 8.47 4.41 12.35
CA TRP C 153 7.91 5.32 11.36
C TRP C 153 9.01 5.85 10.45
N LYS C 154 8.71 5.94 9.17
CA LYS C 154 9.58 6.59 8.20
C LYS C 154 8.79 7.66 7.47
N ILE C 155 9.41 8.82 7.27
CA ILE C 155 8.86 9.92 6.50
C ILE C 155 9.82 10.19 5.35
N ASP C 156 9.31 10.11 4.12
CA ASP C 156 10.14 10.29 2.94
C ASP C 156 11.34 9.35 2.98
N GLY C 157 11.17 8.18 3.60
CA GLY C 157 12.22 7.18 3.67
C GLY C 157 13.23 7.31 4.79
N SER C 158 13.11 8.33 5.65
CA SER C 158 14.01 8.49 6.79
C SER C 158 13.27 8.19 8.08
N GLU C 159 13.98 7.64 9.07
CA GLU C 159 13.30 7.28 10.32
C GLU C 159 12.83 8.52 11.05
N ARG C 160 11.64 8.41 11.63
CA ARG C 160 11.03 9.47 12.41
C ARG C 160 10.83 8.97 13.83
N GLN C 161 11.47 9.64 14.80
CA GLN C 161 11.35 9.21 16.19
C GLN C 161 10.96 10.38 17.09
N ASN C 162 10.10 11.24 16.56
CA ASN C 162 9.54 12.38 17.30
C ASN C 162 8.04 12.40 17.05
N GLY C 163 7.26 12.62 18.10
CA GLY C 163 5.82 12.73 17.95
C GLY C 163 5.04 11.43 17.93
N VAL C 164 5.65 10.30 18.32
CA VAL C 164 4.98 9.00 18.33
C VAL C 164 4.37 8.75 19.71
N LEU C 165 3.18 8.14 19.72
CA LEU C 165 2.52 7.72 20.95
C LEU C 165 1.93 6.34 20.70
N ASN C 166 2.29 5.36 21.53
CA ASN C 166 1.92 3.96 21.35
C ASN C 166 1.01 3.49 22.48
N SER C 167 0.04 2.63 22.14
CA SER C 167 -0.86 2.01 23.10
C SER C 167 -0.95 0.52 22.79
N TRP C 168 -0.84 -0.31 23.82
CA TRP C 168 -0.80 -1.77 23.67
C TRP C 168 -1.96 -2.41 24.43
N THR C 169 -2.65 -3.35 23.79
CA THR C 169 -3.74 -4.05 24.49
C THR C 169 -3.19 -5.18 25.37
N ASP C 170 -4.05 -5.64 26.28
CA ASP C 170 -3.82 -6.88 26.99
C ASP C 170 -3.99 -8.07 26.04
N GLN C 171 -3.50 -9.23 26.45
CA GLN C 171 -3.68 -10.41 25.60
C GLN C 171 -5.15 -10.75 25.46
N ASP C 172 -5.56 -11.12 24.24
CA ASP C 172 -6.96 -11.39 23.95
C ASP C 172 -7.35 -12.79 24.42
N SER C 173 -8.42 -12.87 25.22
CA SER C 173 -8.88 -14.16 25.74
C SER C 173 -9.32 -15.13 24.65
N LYS C 174 -9.77 -14.62 23.50
CA LYS C 174 -10.30 -15.53 22.47
C LYS C 174 -9.18 -16.19 21.68
N ASP C 175 -8.31 -15.39 21.06
CA ASP C 175 -7.32 -15.92 20.12
C ASP C 175 -5.88 -15.81 20.63
N SER C 176 -5.69 -15.38 21.87
CA SER C 176 -4.37 -15.30 22.53
C SER C 176 -3.40 -14.35 21.84
N THR C 177 -3.91 -13.36 21.07
CA THR C 177 -3.05 -12.41 20.38
C THR C 177 -2.98 -11.08 21.12
N TYR C 178 -2.10 -10.22 20.64
CA TYR C 178 -1.95 -8.85 21.11
C TYR C 178 -2.25 -7.89 19.96
N SER C 179 -2.59 -6.65 20.30
CA SER C 179 -2.70 -5.61 19.30
C SER C 179 -2.09 -4.34 19.86
N MET C 180 -1.64 -3.45 18.98
CA MET C 180 -1.24 -2.13 19.45
C MET C 180 -1.55 -1.09 18.39
N SER C 181 -1.54 0.16 18.82
CA SER C 181 -1.85 1.32 17.99
C SER C 181 -0.74 2.34 18.16
N SER C 182 -0.24 2.86 17.05
CA SER C 182 0.85 3.83 17.06
C SER C 182 0.38 5.07 16.30
N THR C 183 0.40 6.22 16.97
CA THR C 183 -0.04 7.49 16.40
C THR C 183 1.14 8.44 16.33
N LEU C 184 1.49 8.86 15.12
CA LEU C 184 2.48 9.89 14.85
C LEU C 184 1.77 11.22 14.61
N THR C 185 1.98 12.19 15.49
CA THR C 185 1.30 13.48 15.39
C THR C 185 2.31 14.56 15.02
N LEU C 186 2.07 15.22 13.90
CA LEU C 186 2.87 16.34 13.40
C LEU C 186 1.99 17.58 13.32
N THR C 187 2.61 18.73 13.12
CA THR C 187 1.85 19.89 12.69
C THR C 187 1.44 19.69 11.23
N LYS C 188 0.33 20.34 10.84
CA LYS C 188 -0.03 20.31 9.43
C LYS C 188 1.11 20.85 8.57
N ASP C 189 1.75 21.94 9.02
CA ASP C 189 2.81 22.53 8.21
C ASP C 189 3.93 21.54 7.96
N GLU C 190 4.30 20.76 8.98
CA GLU C 190 5.36 19.78 8.75
C GLU C 190 4.84 18.61 7.93
N TYR C 191 3.61 18.19 8.18
CA TYR C 191 3.01 17.13 7.37
C TYR C 191 3.04 17.50 5.89
N GLU C 192 2.72 18.75 5.56
CA GLU C 192 2.64 19.17 4.16
C GLU C 192 4.02 19.32 3.50
N ARG C 193 5.09 19.25 4.28
CA ARG C 193 6.43 19.30 3.72
C ARG C 193 6.93 17.96 3.19
N HIS C 194 6.23 16.87 3.44
CA HIS C 194 6.73 15.55 3.06
C HIS C 194 5.63 14.79 2.35
N ASN C 195 6.01 13.68 1.72
CA ASN C 195 5.04 12.96 0.92
C ASN C 195 4.79 11.53 1.39
N SER C 196 5.83 10.74 1.60
CA SER C 196 5.60 9.33 1.89
C SER C 196 5.68 9.11 3.39
N TYR C 197 4.72 8.34 3.91
CA TYR C 197 4.56 8.05 5.33
C TYR C 197 4.44 6.54 5.48
N THR C 198 5.35 5.92 6.23
CA THR C 198 5.44 4.47 6.30
C THR C 198 5.42 4.00 7.75
N CYS C 199 4.61 2.97 8.00
CA CYS C 199 4.58 2.19 9.23
C CYS C 199 5.21 0.83 8.97
N GLU C 200 6.19 0.45 9.80
CA GLU C 200 6.91 -0.80 9.60
C GLU C 200 6.86 -1.60 10.90
N ALA C 201 6.43 -2.86 10.80
CA ALA C 201 6.36 -3.77 11.94
C ALA C 201 7.43 -4.83 11.78
N THR C 202 8.30 -4.96 12.79
CA THR C 202 9.46 -5.83 12.71
C THR C 202 9.60 -6.66 13.98
N HIS C 203 10.37 -7.73 13.87
CA HIS C 203 10.83 -8.49 15.02
C HIS C 203 12.35 -8.47 15.06
N LYS C 204 12.90 -8.67 16.24
CA LYS C 204 14.35 -8.84 16.31
C LYS C 204 14.78 -10.27 16.02
N THR C 205 13.85 -11.24 16.12
CA THR C 205 14.13 -12.57 15.62
C THR C 205 14.28 -12.53 14.11
N SER C 206 13.18 -12.32 13.39
CA SER C 206 13.20 -12.32 11.94
C SER C 206 13.94 -11.09 11.41
N THR C 207 14.08 -11.04 10.08
CA THR C 207 14.59 -9.86 9.39
C THR C 207 13.66 -9.44 8.27
N SER C 208 12.41 -9.94 8.25
CA SER C 208 11.43 -9.64 7.22
C SER C 208 10.28 -8.82 7.79
N PRO C 209 10.19 -7.53 7.50
CA PRO C 209 9.17 -6.67 8.11
C PRO C 209 7.84 -6.73 7.36
N ILE C 210 6.84 -6.09 7.96
CA ILE C 210 5.59 -5.76 7.30
C ILE C 210 5.50 -4.25 7.21
N VAL C 211 5.25 -3.74 6.01
CA VAL C 211 5.24 -2.30 5.79
C VAL C 211 3.86 -1.89 5.28
N LYS C 212 3.45 -0.67 5.64
CA LYS C 212 2.29 -0.04 5.06
C LYS C 212 2.63 1.43 4.84
N SER C 213 2.19 1.97 3.70
CA SER C 213 2.52 3.34 3.36
C SER C 213 1.31 3.99 2.73
N PHE C 214 1.28 5.33 2.78
CA PHE C 214 0.48 6.13 1.86
C PHE C 214 1.34 7.30 1.39
N ASN C 215 0.83 8.00 0.38
CA ASN C 215 1.45 9.21 -0.15
C ASN C 215 0.48 10.36 0.00
N ARG C 216 0.96 11.49 0.54
CA ARG C 216 0.05 12.60 0.81
C ARG C 216 -0.58 13.12 -0.48
N ASN C 217 0.21 13.20 -1.56
CA ASN C 217 -0.34 13.68 -2.83
C ASN C 217 -1.47 12.80 -3.36
N GLU C 218 -1.64 11.59 -2.81
CA GLU C 218 -2.70 10.63 -3.12
C GLU C 218 -2.43 9.91 -4.43
N GLU D 1 -30.55 -12.05 43.48
CA GLU D 1 -29.18 -11.98 42.97
C GLU D 1 -28.44 -10.83 43.65
N VAL D 2 -27.38 -11.18 44.37
CA VAL D 2 -26.59 -10.18 45.09
C VAL D 2 -25.90 -9.26 44.09
N GLN D 3 -25.98 -7.96 44.35
CA GLN D 3 -25.22 -7.00 43.55
C GLN D 3 -24.82 -5.82 44.42
N LEU D 4 -23.61 -5.31 44.17
CA LEU D 4 -23.12 -4.09 44.80
C LEU D 4 -22.92 -3.08 43.69
N GLN D 5 -23.58 -1.92 43.82
CA GLN D 5 -23.52 -0.88 42.82
C GLN D 5 -22.66 0.27 43.36
N GLN D 6 -21.54 0.52 42.70
CA GLN D 6 -20.64 1.59 43.11
C GLN D 6 -20.89 2.87 42.31
N SER D 7 -20.52 4.00 42.91
CA SER D 7 -20.62 5.29 42.25
C SER D 7 -19.66 5.39 41.08
N GLY D 8 -19.83 6.45 40.28
CA GLY D 8 -19.08 6.62 39.05
C GLY D 8 -17.70 7.19 39.29
N PRO D 9 -16.92 7.26 38.21
CA PRO D 9 -15.56 7.81 38.31
C PRO D 9 -15.60 9.27 38.74
N GLU D 10 -14.58 9.69 39.47
CA GLU D 10 -14.47 11.05 39.96
C GLU D 10 -13.09 11.62 39.64
N LEU D 11 -13.06 12.90 39.25
CA LEU D 11 -11.84 13.68 39.14
C LEU D 11 -11.80 14.66 40.31
N VAL D 12 -10.72 14.62 41.08
CA VAL D 12 -10.62 15.41 42.31
C VAL D 12 -9.25 16.07 42.37
N LYS D 13 -9.21 17.33 42.86
CA LYS D 13 -7.97 18.07 42.95
C LYS D 13 -7.12 17.59 44.13
N PRO D 14 -5.81 17.70 44.03
CA PRO D 14 -4.93 17.32 45.15
C PRO D 14 -5.28 18.12 46.41
N GLY D 15 -5.20 17.43 47.56
CA GLY D 15 -5.56 18.01 48.84
C GLY D 15 -7.01 17.89 49.21
N ALA D 16 -7.90 17.74 48.22
CA ALA D 16 -9.31 17.59 48.50
C ALA D 16 -9.60 16.19 49.04
N SER D 17 -10.88 15.91 49.24
CA SER D 17 -11.34 14.60 49.67
C SER D 17 -12.40 14.11 48.70
N VAL D 18 -12.71 12.82 48.81
CA VAL D 18 -13.77 12.22 48.01
C VAL D 18 -14.43 11.16 48.87
N LYS D 19 -15.73 10.96 48.65
CA LYS D 19 -16.48 9.89 49.28
C LYS D 19 -17.13 9.05 48.19
N MET D 20 -16.80 7.75 48.17
CA MET D 20 -17.34 6.81 47.22
C MET D 20 -18.34 5.90 47.91
N SER D 21 -19.31 5.41 47.15
CA SER D 21 -20.43 4.68 47.72
C SER D 21 -20.57 3.31 47.06
N CYS D 22 -21.25 2.43 47.77
CA CYS D 22 -21.39 1.01 47.41
C CYS D 22 -22.78 0.58 47.86
N LYS D 23 -23.69 0.40 46.91
CA LYS D 23 -25.12 0.19 47.20
C LYS D 23 -25.44 -1.30 47.10
N ALA D 24 -25.78 -1.91 48.24
CA ALA D 24 -26.04 -3.33 48.32
C ALA D 24 -27.51 -3.66 48.08
N SER D 25 -27.76 -4.77 47.40
CA SER D 25 -29.12 -5.17 47.06
C SER D 25 -29.16 -6.68 46.87
N GLY D 26 -30.38 -7.19 46.65
CA GLY D 26 -30.60 -8.60 46.40
C GLY D 26 -30.44 -9.52 47.59
N TYR D 27 -29.89 -9.04 48.69
CA TYR D 27 -29.74 -9.82 49.91
C TYR D 27 -30.11 -8.93 51.09
N THR D 28 -29.94 -9.44 52.30
CA THR D 28 -30.24 -8.69 53.51
C THR D 28 -29.00 -7.91 53.95
N PHE D 29 -29.07 -6.57 53.82
CA PHE D 29 -27.89 -5.71 53.91
C PHE D 29 -27.15 -5.83 55.23
N THR D 30 -27.86 -6.10 56.33
CA THR D 30 -27.30 -5.98 57.67
C THR D 30 -26.58 -7.24 58.15
N SER D 31 -26.56 -8.31 57.36
CA SER D 31 -25.99 -9.58 57.82
C SER D 31 -24.53 -9.77 57.46
N TYR D 32 -24.01 -9.00 56.49
CA TYR D 32 -22.68 -9.28 55.94
C TYR D 32 -21.79 -8.04 55.98
N VAL D 33 -20.52 -8.31 56.20
CA VAL D 33 -19.45 -7.32 56.19
C VAL D 33 -19.11 -6.94 54.75
N ILE D 34 -18.69 -5.68 54.53
CA ILE D 34 -18.30 -5.18 53.22
C ILE D 34 -16.89 -4.60 53.30
N HIS D 35 -15.97 -5.15 52.49
CA HIS D 35 -14.58 -4.73 52.46
C HIS D 35 -14.35 -3.70 51.35
N TRP D 36 -13.22 -3.00 51.44
CA TRP D 36 -12.76 -2.13 50.36
C TRP D 36 -11.33 -2.50 49.97
N VAL D 37 -11.07 -2.52 48.66
CA VAL D 37 -9.80 -2.95 48.10
C VAL D 37 -9.32 -1.93 47.08
N LYS D 38 -8.03 -1.59 47.12
CA LYS D 38 -7.43 -0.64 46.20
C LYS D 38 -6.63 -1.37 45.13
N GLN D 39 -6.84 -1.01 43.87
CA GLN D 39 -6.10 -1.58 42.75
C GLN D 39 -5.48 -0.46 41.94
N LYS D 40 -4.17 -0.29 42.06
CA LYS D 40 -3.50 0.77 41.37
C LYS D 40 -2.43 0.17 40.46
N PRO D 41 -2.31 0.64 39.23
CA PRO D 41 -1.33 0.06 38.30
C PRO D 41 0.06 0.04 38.92
N GLY D 42 0.72 -1.12 38.83
CA GLY D 42 2.03 -1.30 39.42
C GLY D 42 2.04 -1.61 40.90
N GLN D 43 0.88 -1.66 41.54
CA GLN D 43 0.79 -1.86 42.99
C GLN D 43 -0.21 -2.94 43.35
N GLY D 44 -0.57 -3.80 42.40
CA GLY D 44 -1.31 -5.01 42.72
C GLY D 44 -2.67 -4.72 43.35
N LEU D 45 -2.98 -5.47 44.41
CA LEU D 45 -4.19 -5.30 45.21
C LEU D 45 -3.80 -5.04 46.66
N GLU D 46 -4.57 -4.18 47.34
CA GLU D 46 -4.37 -3.88 48.75
C GLU D 46 -5.72 -3.87 49.45
N TRP D 47 -5.78 -4.52 50.61
CA TRP D 47 -6.98 -4.51 51.44
C TRP D 47 -6.96 -3.29 52.35
N ILE D 48 -8.03 -2.50 52.30
CA ILE D 48 -8.11 -1.26 53.07
C ILE D 48 -8.76 -1.48 54.43
N GLY D 49 -9.85 -2.23 54.46
CA GLY D 49 -10.58 -2.47 55.69
C GLY D 49 -11.98 -2.96 55.38
N TYR D 50 -12.79 -3.07 56.43
CA TYR D 50 -14.18 -3.46 56.23
C TYR D 50 -15.04 -2.86 57.33
N ILE D 51 -16.34 -2.78 57.05
CA ILE D 51 -17.33 -2.26 58.00
C ILE D 51 -18.48 -3.25 58.12
N TYR D 52 -18.94 -3.47 59.35
CA TYR D 52 -20.08 -4.31 59.69
C TYR D 52 -21.35 -3.45 59.75
N PRO D 53 -22.19 -3.49 58.71
CA PRO D 53 -23.38 -2.62 58.69
C PRO D 53 -24.40 -2.93 59.77
N TYR D 54 -24.18 -3.95 60.61
CA TYR D 54 -25.11 -4.20 61.71
C TYR D 54 -24.88 -3.26 62.87
N ASN D 55 -23.61 -2.98 63.20
CA ASN D 55 -23.26 -2.12 64.30
C ASN D 55 -22.29 -0.99 63.90
N ASP D 56 -22.09 -0.79 62.59
CA ASP D 56 -21.13 0.19 62.06
C ASP D 56 -19.72 -0.02 62.61
N GLY D 57 -19.38 -1.26 62.97
CA GLY D 57 -18.03 -1.55 63.41
C GLY D 57 -17.09 -1.75 62.24
N THR D 58 -15.83 -1.32 62.45
CA THR D 58 -14.83 -1.31 61.39
C THR D 58 -13.53 -1.94 61.86
N ILE D 59 -12.84 -2.59 60.91
CA ILE D 59 -11.46 -3.04 61.07
C ILE D 59 -10.68 -2.48 59.87
N TYR D 60 -9.54 -1.84 60.14
CA TYR D 60 -8.78 -1.17 59.11
C TYR D 60 -7.40 -1.80 58.92
N ASN D 61 -6.93 -1.78 57.68
CA ASN D 61 -5.49 -1.91 57.44
C ASN D 61 -4.81 -0.66 58.01
N GLU D 62 -3.76 -0.88 58.80
CA GLU D 62 -3.03 0.24 59.41
C GLU D 62 -2.41 1.14 58.36
N LYS D 63 -2.08 0.58 57.19
CA LYS D 63 -1.46 1.37 56.12
C LYS D 63 -2.34 2.52 55.67
N PHE D 64 -3.65 2.46 55.91
CA PHE D 64 -4.56 3.50 55.48
C PHE D 64 -5.00 4.39 56.64
N LYS D 65 -4.21 4.41 57.71
CA LYS D 65 -4.41 5.35 58.80
C LYS D 65 -4.04 6.75 58.33
N GLY D 66 -4.93 7.70 58.58
CA GLY D 66 -4.77 9.04 58.03
C GLY D 66 -5.24 9.21 56.62
N LYS D 67 -5.92 8.21 56.05
CA LYS D 67 -6.36 8.27 54.66
C LYS D 67 -7.82 7.86 54.50
N ALA D 68 -8.20 6.69 54.99
CA ALA D 68 -9.48 6.08 54.64
C ALA D 68 -10.40 5.97 55.85
N THR D 69 -11.68 6.29 55.64
CA THR D 69 -12.72 6.27 56.66
C THR D 69 -13.93 5.55 56.11
N LEU D 70 -14.33 4.45 56.76
CA LEU D 70 -15.49 3.67 56.36
C LEU D 70 -16.71 4.05 57.19
N THR D 71 -17.85 4.21 56.51
CA THR D 71 -19.13 4.47 57.18
C THR D 71 -20.20 3.60 56.56
N SER D 72 -21.32 3.44 57.28
CA SER D 72 -22.42 2.63 56.83
C SER D 72 -23.74 3.32 57.16
N ASP D 73 -24.69 3.27 56.22
CA ASP D 73 -26.02 3.84 56.38
C ASP D 73 -27.02 2.72 56.14
N THR D 74 -27.59 2.19 57.24
CA THR D 74 -28.42 0.99 57.16
C THR D 74 -29.68 1.20 56.34
N SER D 75 -30.24 2.42 56.35
CA SER D 75 -31.54 2.66 55.72
C SER D 75 -31.45 2.65 54.20
N SER D 76 -30.32 3.10 53.63
CA SER D 76 -30.13 3.11 52.19
C SER D 76 -29.37 1.88 51.69
N SER D 77 -28.93 1.00 52.60
CA SER D 77 -28.17 -0.20 52.24
C SER D 77 -26.89 0.19 51.48
N THR D 78 -26.15 1.14 52.06
CA THR D 78 -25.01 1.75 51.39
C THR D 78 -23.88 1.96 52.38
N VAL D 79 -22.68 1.52 52.00
CA VAL D 79 -21.47 1.83 52.76
C VAL D 79 -20.65 2.82 51.96
N TYR D 80 -19.88 3.64 52.66
CA TYR D 80 -19.11 4.71 52.05
C TYR D 80 -17.65 4.57 52.47
N MET D 81 -16.77 4.95 51.56
CA MET D 81 -15.36 5.12 51.90
C MET D 81 -14.96 6.54 51.53
N GLU D 82 -14.43 7.26 52.49
CA GLU D 82 -13.94 8.61 52.27
C GLU D 82 -12.42 8.61 52.32
N LEU D 83 -11.81 9.20 51.29
CA LEU D 83 -10.37 9.38 51.24
C LEU D 83 -10.08 10.88 51.36
N ILE D 84 -9.11 11.24 52.21
CA ILE D 84 -8.80 12.63 52.50
C ILE D 84 -7.39 12.93 52.03
N SER D 85 -7.04 14.22 52.00
CA SER D 85 -5.72 14.71 51.65
C SER D 85 -5.18 14.00 50.41
N LEU D 86 -5.95 14.09 49.34
CA LEU D 86 -5.71 13.27 48.16
C LEU D 86 -4.47 13.73 47.41
N THR D 87 -3.73 12.76 46.85
CA THR D 87 -2.65 13.01 45.90
C THR D 87 -2.77 11.98 44.78
N ALA D 88 -1.88 12.09 43.79
CA ALA D 88 -1.95 11.18 42.65
C ALA D 88 -1.75 9.72 43.08
N GLU D 89 -1.02 9.48 44.18
CA GLU D 89 -0.90 8.11 44.65
C GLU D 89 -2.25 7.53 45.07
N ASP D 90 -3.25 8.37 45.30
CA ASP D 90 -4.56 7.82 45.57
C ASP D 90 -5.35 7.51 44.30
N SER D 91 -4.86 7.91 43.13
CA SER D 91 -5.55 7.54 41.90
C SER D 91 -5.46 6.03 41.75
N ALA D 92 -6.61 5.38 41.57
CA ALA D 92 -6.68 3.92 41.51
C ALA D 92 -8.12 3.53 41.22
N VAL D 93 -8.33 2.23 41.02
CA VAL D 93 -9.66 1.63 41.07
C VAL D 93 -9.93 1.16 42.48
N TYR D 94 -11.10 1.49 43.01
CA TYR D 94 -11.49 1.08 44.35
C TYR D 94 -12.70 0.15 44.26
N TRP D 95 -12.55 -1.04 44.84
CA TRP D 95 -13.57 -2.08 44.84
C TRP D 95 -14.22 -2.15 46.22
N CYS D 96 -15.53 -2.33 46.27
CA CYS D 96 -16.16 -2.83 47.48
C CYS D 96 -16.55 -4.28 47.25
N VAL D 97 -16.38 -5.10 48.28
CA VAL D 97 -16.59 -6.54 48.19
C VAL D 97 -17.29 -7.00 49.45
N ARG D 98 -18.36 -7.78 49.28
CA ARG D 98 -19.07 -8.32 50.42
C ARG D 98 -18.42 -9.62 50.85
N GLU D 99 -18.39 -9.83 52.17
CA GLU D 99 -18.07 -11.12 52.76
C GLU D 99 -18.76 -12.23 51.97
N ARG D 100 -17.95 -13.15 51.44
CA ARG D 100 -18.49 -14.21 50.60
C ARG D 100 -19.27 -15.21 51.43
N ASP D 101 -20.21 -15.89 50.79
CA ASP D 101 -20.77 -17.13 51.31
C ASP D 101 -20.12 -18.30 50.58
N ASN D 102 -20.54 -19.52 50.92
CA ASN D 102 -19.84 -20.69 50.40
C ASN D 102 -20.11 -20.94 48.92
N TYR D 103 -20.93 -20.13 48.24
CA TYR D 103 -21.21 -20.36 46.83
C TYR D 103 -21.13 -19.08 45.98
N GLY D 104 -20.43 -18.05 46.45
CA GLY D 104 -20.21 -16.87 45.65
C GLY D 104 -19.50 -15.73 46.36
N VAL D 105 -18.65 -15.00 45.62
CA VAL D 105 -18.06 -13.75 46.09
C VAL D 105 -18.71 -12.63 45.30
N TYR D 106 -18.80 -11.45 45.92
CA TYR D 106 -19.62 -10.37 45.38
C TYR D 106 -18.83 -9.07 45.40
N TRP D 107 -18.28 -8.70 44.25
CA TRP D 107 -17.54 -7.46 44.05
C TRP D 107 -18.42 -6.43 43.33
N GLY D 108 -18.29 -5.18 43.73
CA GLY D 108 -18.86 -4.09 42.96
C GLY D 108 -18.14 -3.99 41.62
N GLN D 109 -18.57 -3.04 40.80
CA GLN D 109 -17.96 -2.87 39.49
C GLN D 109 -16.73 -1.97 39.53
N GLY D 110 -16.40 -1.41 40.69
CA GLY D 110 -15.21 -0.58 40.84
C GLY D 110 -15.48 0.88 40.52
N THR D 111 -14.79 1.76 41.25
CA THR D 111 -14.84 3.20 41.04
C THR D 111 -13.43 3.72 40.78
N THR D 112 -13.22 4.36 39.62
CA THR D 112 -11.92 4.91 39.27
C THR D 112 -11.81 6.36 39.75
N LEU D 113 -10.88 6.59 40.67
CA LEU D 113 -10.56 7.93 41.16
C LEU D 113 -9.36 8.45 40.38
N THR D 114 -9.48 9.68 39.86
CA THR D 114 -8.36 10.42 39.28
C THR D 114 -8.12 11.64 40.16
N VAL D 115 -6.92 11.76 40.69
CA VAL D 115 -6.52 12.92 41.50
C VAL D 115 -5.54 13.72 40.65
N SER D 116 -5.95 14.92 40.25
CA SER D 116 -5.15 15.76 39.37
C SER D 116 -5.67 17.19 39.42
N SER D 117 -4.77 18.13 39.17
CA SER D 117 -5.15 19.52 39.00
C SER D 117 -5.55 19.85 37.57
N ALA D 118 -5.31 18.94 36.63
CA ALA D 118 -5.68 19.17 35.25
C ALA D 118 -7.20 19.27 35.13
N LYS D 119 -7.66 20.14 34.24
CA LYS D 119 -9.08 20.41 34.13
C LYS D 119 -9.72 19.52 33.08
N THR D 120 -10.99 19.21 33.30
CA THR D 120 -11.79 18.49 32.31
C THR D 120 -11.78 19.23 30.97
N THR D 121 -11.60 18.47 29.90
CA THR D 121 -11.38 18.98 28.56
C THR D 121 -12.01 18.02 27.56
N PRO D 122 -12.82 18.50 26.62
CA PRO D 122 -13.52 17.58 25.72
C PRO D 122 -12.60 17.04 24.64
N PRO D 123 -12.97 15.92 24.03
CA PRO D 123 -12.15 15.33 22.98
C PRO D 123 -12.40 15.96 21.61
N SER D 124 -11.49 15.65 20.70
CA SER D 124 -11.70 15.79 19.26
C SER D 124 -11.69 14.39 18.66
N VAL D 125 -12.67 14.09 17.81
CA VAL D 125 -12.87 12.76 17.28
C VAL D 125 -12.64 12.81 15.77
N TYR D 126 -11.72 12.00 15.27
CA TYR D 126 -11.37 12.00 13.86
C TYR D 126 -11.64 10.64 13.23
N PRO D 127 -12.37 10.59 12.12
CA PRO D 127 -12.54 9.33 11.40
C PRO D 127 -11.24 8.89 10.74
N LEU D 128 -11.04 7.57 10.71
CA LEU D 128 -9.85 6.99 10.09
C LEU D 128 -10.35 6.14 8.94
N ALA D 129 -10.25 6.67 7.74
CA ALA D 129 -10.66 5.89 6.59
C ALA D 129 -9.44 5.55 5.74
N PRO D 130 -9.49 4.46 4.99
CA PRO D 130 -8.33 4.06 4.20
C PRO D 130 -7.87 5.17 3.25
N GLY D 131 -6.57 5.21 2.98
CA GLY D 131 -6.03 6.15 2.01
C GLY D 131 -6.35 5.77 0.58
N SER D 138 -10.42 -8.64 1.25
CA SER D 138 -11.59 -9.38 1.74
C SER D 138 -12.15 -8.77 3.03
N MET D 139 -11.26 -8.25 3.85
CA MET D 139 -11.62 -7.46 5.02
C MET D 139 -11.04 -6.06 4.89
N VAL D 140 -11.74 -5.08 5.46
CA VAL D 140 -11.25 -3.71 5.50
C VAL D 140 -11.26 -3.24 6.96
N THR D 141 -10.24 -2.46 7.33
CA THR D 141 -10.13 -1.94 8.68
C THR D 141 -10.35 -0.44 8.67
N LEU D 142 -11.23 0.02 9.54
CA LEU D 142 -11.53 1.43 9.73
C LEU D 142 -11.16 1.81 11.16
N GLY D 143 -11.11 3.10 11.42
CA GLY D 143 -10.72 3.52 12.75
C GLY D 143 -11.34 4.84 13.16
N CYS D 144 -11.06 5.17 14.42
CA CYS D 144 -11.54 6.36 15.11
C CYS D 144 -10.41 6.82 16.02
N LEU D 145 -9.98 8.08 15.90
CA LEU D 145 -8.95 8.68 16.75
C LEU D 145 -9.56 9.73 17.68
N VAL D 146 -9.27 9.61 18.97
CA VAL D 146 -9.87 10.47 20.00
C VAL D 146 -8.73 11.17 20.73
N LYS D 147 -8.68 12.50 20.64
CA LYS D 147 -7.52 13.23 21.15
C LYS D 147 -7.95 14.42 22.02
N GLY D 148 -7.01 14.83 22.88
CA GLY D 148 -7.12 16.10 23.58
C GLY D 148 -8.05 16.14 24.76
N TYR D 149 -8.39 14.99 25.35
CA TYR D 149 -9.40 14.98 26.39
C TYR D 149 -8.82 14.67 27.76
N PHE D 150 -9.57 15.06 28.80
CA PHE D 150 -9.25 14.76 30.19
C PHE D 150 -10.52 14.94 31.00
N PRO D 151 -10.82 14.07 31.98
CA PRO D 151 -10.11 12.85 32.38
C PRO D 151 -10.62 11.64 31.60
N GLU D 152 -10.10 10.46 31.92
CA GLU D 152 -10.79 9.24 31.54
C GLU D 152 -12.09 9.13 32.35
N PRO D 153 -13.11 8.44 31.82
CA PRO D 153 -13.10 7.63 30.62
C PRO D 153 -13.79 8.28 29.41
N VAL D 154 -13.35 7.85 28.24
CA VAL D 154 -14.11 7.93 27.00
C VAL D 154 -14.56 6.51 26.65
N THR D 155 -15.76 6.37 26.10
CA THR D 155 -16.22 5.09 25.61
C THR D 155 -16.47 5.20 24.11
N VAL D 156 -16.18 4.13 23.40
CA VAL D 156 -16.30 4.08 21.95
C VAL D 156 -17.18 2.92 21.57
N THR D 157 -18.15 3.16 20.72
CA THR D 157 -18.93 2.09 20.11
C THR D 157 -18.92 2.28 18.61
N TRP D 158 -19.36 1.26 17.90
CA TRP D 158 -19.39 1.29 16.44
C TRP D 158 -20.81 0.97 16.00
N ASN D 159 -21.37 1.83 15.14
CA ASN D 159 -22.75 1.71 14.70
C ASN D 159 -23.71 1.59 15.90
N SER D 160 -23.49 2.46 16.89
CA SER D 160 -24.30 2.55 18.10
C SER D 160 -24.37 1.24 18.87
N GLY D 161 -23.36 0.39 18.73
CA GLY D 161 -23.26 -0.87 19.46
C GLY D 161 -23.60 -2.11 18.64
N SER D 162 -24.20 -1.94 17.46
CA SER D 162 -24.57 -3.09 16.65
C SER D 162 -23.35 -3.73 15.99
N LEU D 163 -22.23 -3.03 15.92
CA LEU D 163 -21.00 -3.56 15.36
C LEU D 163 -20.03 -3.77 16.52
N SER D 164 -19.90 -5.02 16.97
CA SER D 164 -19.11 -5.30 18.16
C SER D 164 -17.98 -6.31 17.94
N SER D 165 -18.06 -7.17 16.94
CA SER D 165 -16.97 -8.09 16.67
C SER D 165 -15.92 -7.42 15.77
N GLY D 166 -14.68 -7.89 15.89
CA GLY D 166 -13.61 -7.35 15.08
C GLY D 166 -13.14 -5.97 15.51
N VAL D 167 -13.49 -5.55 16.73
CA VAL D 167 -13.15 -4.23 17.26
C VAL D 167 -11.92 -4.35 18.16
N HIS D 168 -11.00 -3.39 18.03
CA HIS D 168 -9.91 -3.19 18.98
C HIS D 168 -9.98 -1.75 19.48
N THR D 169 -10.30 -1.56 20.76
CA THR D 169 -10.26 -0.24 21.37
C THR D 169 -9.08 -0.20 22.34
N PHE D 170 -8.18 0.72 22.12
CA PHE D 170 -6.88 0.67 22.78
C PHE D 170 -6.87 1.49 24.06
N PRO D 171 -6.10 1.08 25.06
CA PRO D 171 -6.03 1.85 26.32
C PRO D 171 -5.63 3.29 26.07
N ALA D 172 -6.26 4.21 26.79
CA ALA D 172 -5.91 5.62 26.68
C ALA D 172 -4.49 5.84 27.20
N VAL D 173 -3.76 6.74 26.57
CA VAL D 173 -2.39 7.08 26.95
C VAL D 173 -2.33 8.59 27.17
N LEU D 174 -1.70 9.01 28.28
CA LEU D 174 -1.67 10.41 28.70
C LEU D 174 -0.36 11.06 28.28
N GLN D 175 -0.47 12.23 27.65
CA GLN D 175 0.68 13.00 27.21
C GLN D 175 0.41 14.47 27.52
N SER D 176 1.24 15.08 28.36
CA SER D 176 1.03 16.45 28.84
C SER D 176 -0.42 16.67 29.31
N ASP D 177 -0.88 15.73 30.13
CA ASP D 177 -2.20 15.81 30.78
C ASP D 177 -3.36 15.83 29.78
N LEU D 178 -3.16 15.29 28.59
CA LEU D 178 -4.25 15.04 27.66
C LEU D 178 -4.17 13.60 27.15
N TYR D 179 -5.32 12.96 27.06
CA TYR D 179 -5.39 11.56 26.64
C TYR D 179 -5.56 11.43 25.14
N THR D 180 -4.94 10.38 24.60
CA THR D 180 -5.19 9.90 23.24
C THR D 180 -5.72 8.48 23.34
N LEU D 181 -6.77 8.20 22.57
CA LEU D 181 -7.37 6.87 22.52
C LEU D 181 -7.73 6.61 21.07
N SER D 182 -7.60 5.36 20.63
CA SER D 182 -7.98 5.00 19.28
C SER D 182 -8.75 3.70 19.29
N SER D 183 -9.45 3.43 18.20
CA SER D 183 -10.24 2.22 18.05
C SER D 183 -10.26 1.85 16.59
N SER D 184 -10.10 0.57 16.31
CA SER D 184 -10.19 0.02 14.97
C SER D 184 -11.37 -0.93 14.91
N VAL D 185 -11.94 -1.07 13.72
CA VAL D 185 -12.94 -2.09 13.48
C VAL D 185 -12.67 -2.69 12.11
N THR D 186 -12.77 -4.00 12.01
CA THR D 186 -12.47 -4.73 10.78
C THR D 186 -13.77 -5.40 10.34
N VAL D 187 -14.23 -5.07 9.14
CA VAL D 187 -15.49 -5.60 8.62
C VAL D 187 -15.24 -6.20 7.24
N THR D 188 -16.17 -7.04 6.81
CA THR D 188 -16.05 -7.63 5.49
C THR D 188 -16.08 -6.53 4.42
N SER D 189 -15.23 -6.67 3.40
CA SER D 189 -15.13 -5.67 2.34
C SER D 189 -16.47 -5.36 1.71
N SER D 190 -17.34 -6.35 1.60
CA SER D 190 -18.62 -6.17 0.93
C SER D 190 -19.58 -5.29 1.72
N THR D 191 -19.30 -5.00 2.99
CA THR D 191 -20.23 -4.24 3.81
C THR D 191 -19.91 -2.75 3.89
N TRP D 192 -18.71 -2.33 3.45
CA TRP D 192 -18.34 -0.93 3.55
C TRP D 192 -17.56 -0.58 2.28
N PRO D 193 -17.86 0.54 1.63
CA PRO D 193 -18.81 1.55 2.09
C PRO D 193 -20.26 1.36 1.68
N SER D 194 -20.64 0.15 1.23
CA SER D 194 -22.03 -0.06 0.81
C SER D 194 -23.00 0.13 1.98
N GLN D 195 -22.61 -0.26 3.19
CA GLN D 195 -23.33 0.10 4.39
C GLN D 195 -22.48 1.06 5.23
N THR D 196 -23.15 1.86 6.06
CA THR D 196 -22.47 2.90 6.82
C THR D 196 -21.75 2.30 8.03
N ILE D 197 -20.62 2.93 8.37
CA ILE D 197 -19.87 2.64 9.59
C ILE D 197 -19.63 3.96 10.30
N THR D 198 -19.97 4.02 11.59
CA THR D 198 -19.91 5.24 12.37
C THR D 198 -19.34 4.91 13.75
N CYS D 199 -18.33 5.65 14.19
CA CYS D 199 -17.92 5.50 15.59
C CYS D 199 -18.64 6.52 16.45
N ASN D 200 -19.10 6.07 17.61
CA ASN D 200 -19.81 6.91 18.57
C ASN D 200 -18.92 7.07 19.78
N VAL D 201 -18.62 8.30 20.14
CA VAL D 201 -17.67 8.59 21.20
C VAL D 201 -18.38 9.39 22.28
N ALA D 202 -18.34 8.89 23.52
CA ALA D 202 -18.93 9.56 24.67
C ALA D 202 -17.82 9.93 25.65
N HIS D 203 -17.85 11.17 26.14
CA HIS D 203 -16.98 11.65 27.21
C HIS D 203 -17.89 12.30 28.24
N PRO D 204 -18.45 11.49 29.15
CA PRO D 204 -19.41 12.03 30.14
C PRO D 204 -18.91 13.23 30.92
N ALA D 205 -17.61 13.28 31.26
CA ALA D 205 -17.09 14.35 32.10
C ALA D 205 -17.31 15.71 31.45
N SER D 206 -17.18 15.80 30.13
CA SER D 206 -17.42 17.05 29.41
C SER D 206 -18.78 17.09 28.73
N SER D 207 -19.67 16.15 29.03
CA SER D 207 -20.98 16.05 28.38
C SER D 207 -20.86 16.05 26.86
N THR D 208 -19.86 15.34 26.35
CA THR D 208 -19.61 15.24 24.92
C THR D 208 -20.14 13.92 24.39
N LYS D 209 -20.92 14.00 23.32
CA LYS D 209 -21.35 12.84 22.54
C LYS D 209 -21.14 13.17 21.07
N VAL D 210 -20.33 12.40 20.38
CA VAL D 210 -20.01 12.66 18.98
C VAL D 210 -20.19 11.38 18.20
N ASP D 211 -20.92 11.47 17.08
CA ASP D 211 -20.95 10.41 16.09
C ASP D 211 -20.13 10.87 14.90
N LYS D 212 -19.25 10.02 14.41
CA LYS D 212 -18.45 10.36 13.25
C LYS D 212 -18.58 9.24 12.22
N LYS D 213 -19.19 9.56 11.09
CA LYS D 213 -19.32 8.58 10.00
C LYS D 213 -17.98 8.39 9.31
N ILE D 214 -17.67 7.13 8.99
CA ILE D 214 -16.45 6.81 8.25
C ILE D 214 -16.78 6.84 6.77
N VAL D 215 -16.20 7.81 6.07
CA VAL D 215 -16.53 8.11 4.68
C VAL D 215 -15.29 7.83 3.82
N PRO D 216 -15.45 7.17 2.67
CA PRO D 216 -14.29 6.98 1.78
C PRO D 216 -13.68 8.30 1.37
N GLU D 217 -12.36 8.30 1.24
CA GLU D 217 -11.62 9.50 0.86
C GLU D 217 -11.72 9.74 -0.65
#